data_1O6U
#
_entry.id   1O6U
#
_cell.length_a   59.794
_cell.length_b   84.240
_cell.length_c   87.111
_cell.angle_alpha   116.26
_cell.angle_beta   102.39
_cell.angle_gamma   99.87
#
_symmetry.space_group_name_H-M   'P 1'
#
loop_
_entity.id
_entity.type
_entity.pdbx_description
1 polymer 'SEC14-LIKE PROTEIN 2'
2 non-polymer 'PALMITIC ACID'
3 water water
#
_entity_poly.entity_id   1
_entity_poly.type   'polypeptide(L)'
_entity_poly.pdbx_seq_one_letter_code
;(MSE)SGRVGDLSPRQKEALAKFRENVQDVLPALPNPDDYFLLRWLRARSFDLQKSEA(MSE)LRKHVEFRKQKDIDNII
SWQPPEVIQQYLSGG(MSE)CGYDLDGCPVWYDIIGPLDAKGLLFSASKQDLLRTK(MSE)RECELLLQECAHQTTKLGR
KVETITIIYDCEGLGLKHLWKPAVEAYGEFLC(MSE)FEENYPETLKRLFVVKAPKLFPVAYNLIKPFLSEDTRKKI
(MSE)VLGANWKEVLLKHISPDQVPVEYGGT(MSE)TDPDGNPKCKSKINYGGDIPRKYYVRDQVKQQYEHSVQISRGSS
HQVEYEILFPGCVLRWQF(MSE)SDGADVGFGIFLKTK(MSE)GERQRAGE(MSE)TEVLPNQRYNSHLVPEDGTLTCSD
PGIYVLRFDNTYSFIHAKKVNFTVEVLLPDKASEEK(MSE)KQLGAGTPK
;
_entity_poly.pdbx_strand_id   A,C,E
#
# COMPACT_ATOMS: atom_id res chain seq x y z
N SER A 2 -0.23 -0.30 -17.90
CA SER A 2 0.06 -1.41 -16.99
C SER A 2 1.54 -1.70 -16.81
N GLY A 3 2.40 -0.91 -17.45
CA GLY A 3 3.82 -1.13 -17.35
C GLY A 3 4.32 -2.43 -17.95
N ARG A 4 3.59 -2.95 -18.93
CA ARG A 4 3.96 -4.18 -19.61
C ARG A 4 4.32 -3.90 -21.07
N VAL A 5 5.11 -4.79 -21.67
CA VAL A 5 5.50 -4.64 -23.07
C VAL A 5 4.25 -4.46 -23.92
N GLY A 6 4.26 -3.45 -24.78
CA GLY A 6 3.11 -3.19 -25.63
C GLY A 6 2.09 -2.29 -24.97
N ASP A 7 2.35 -1.87 -23.74
CA ASP A 7 1.40 -1.01 -23.05
C ASP A 7 2.11 -0.10 -22.06
N LEU A 8 3.20 0.51 -22.51
CA LEU A 8 4.00 1.40 -21.67
C LEU A 8 3.70 2.88 -21.92
N SER A 9 3.61 3.65 -20.84
CA SER A 9 3.38 5.08 -20.96
C SER A 9 4.74 5.64 -21.36
N PRO A 10 4.77 6.87 -21.92
CA PRO A 10 6.05 7.46 -22.34
C PRO A 10 7.08 7.51 -21.21
N ARG A 11 6.61 7.66 -19.99
CA ARG A 11 7.48 7.71 -18.82
C ARG A 11 8.07 6.34 -18.51
N GLN A 12 7.28 5.29 -18.71
CA GLN A 12 7.76 3.94 -18.45
C GLN A 12 8.74 3.51 -19.52
N LYS A 13 8.49 3.91 -20.77
CA LYS A 13 9.38 3.55 -21.86
C LYS A 13 10.73 4.21 -21.62
N GLU A 14 10.71 5.47 -21.20
CA GLU A 14 11.93 6.20 -20.93
C GLU A 14 12.68 5.54 -19.78
N ALA A 15 11.94 5.08 -18.76
CA ALA A 15 12.53 4.42 -17.61
C ALA A 15 13.13 3.07 -18.04
N LEU A 16 12.43 2.35 -18.90
CA LEU A 16 12.95 1.06 -19.37
C LEU A 16 14.26 1.25 -20.12
N ALA A 17 14.31 2.25 -20.98
CA ALA A 17 15.52 2.51 -21.75
C ALA A 17 16.66 2.92 -20.82
N LYS A 18 16.37 3.77 -19.85
CA LYS A 18 17.39 4.21 -18.91
C LYS A 18 17.86 3.04 -18.03
N PHE A 19 16.92 2.21 -17.60
CA PHE A 19 17.21 1.05 -16.78
C PHE A 19 18.20 0.12 -17.49
N ARG A 20 17.95 -0.15 -18.77
CA ARG A 20 18.83 -1.03 -19.52
C ARG A 20 20.25 -0.48 -19.55
N GLU A 21 20.38 0.84 -19.76
CA GLU A 21 21.70 1.46 -19.79
C GLU A 21 22.39 1.33 -18.44
N ASN A 22 21.64 1.61 -17.37
CA ASN A 22 22.18 1.55 -16.01
C ASN A 22 22.67 0.17 -15.56
N VAL A 23 22.04 -0.89 -16.05
CA VAL A 23 22.44 -2.25 -15.65
C VAL A 23 23.12 -3.02 -16.76
N GLN A 24 23.59 -2.30 -17.78
CA GLN A 24 24.25 -2.91 -18.93
C GLN A 24 25.36 -3.88 -18.55
N ASP A 25 26.17 -3.49 -17.56
CA ASP A 25 27.29 -4.29 -17.11
C ASP A 25 26.98 -5.69 -16.56
N VAL A 26 25.74 -5.95 -16.16
CA VAL A 26 25.41 -7.28 -15.64
C VAL A 26 24.53 -8.10 -16.57
N LEU A 27 24.05 -7.50 -17.65
CA LEU A 27 23.18 -8.22 -18.58
C LEU A 27 23.81 -9.43 -19.28
N PRO A 28 25.10 -9.36 -19.65
CA PRO A 28 25.74 -10.49 -20.32
C PRO A 28 25.65 -11.77 -19.48
N ALA A 29 25.75 -11.62 -18.17
CA ALA A 29 25.68 -12.76 -17.25
C ALA A 29 24.27 -13.32 -17.08
N LEU A 30 23.29 -12.71 -17.73
CA LEU A 30 21.92 -13.18 -17.63
C LEU A 30 21.53 -13.97 -18.85
N PRO A 31 20.75 -15.05 -18.67
CA PRO A 31 20.27 -15.94 -19.74
C PRO A 31 19.61 -15.23 -20.92
N ASN A 32 18.62 -14.39 -20.62
CA ASN A 32 17.90 -13.66 -21.66
C ASN A 32 17.30 -12.36 -21.11
N PRO A 33 18.12 -11.30 -21.03
CA PRO A 33 17.77 -9.97 -20.52
C PRO A 33 16.93 -9.12 -21.46
N ASP A 34 15.86 -9.67 -22.02
CA ASP A 34 15.02 -8.90 -22.92
C ASP A 34 14.17 -7.90 -22.14
N ASP A 35 13.34 -7.15 -22.86
CA ASP A 35 12.47 -6.16 -22.22
C ASP A 35 11.49 -6.75 -21.22
N TYR A 36 10.98 -7.94 -21.50
CA TYR A 36 10.04 -8.59 -20.59
C TYR A 36 10.76 -8.83 -19.27
N PHE A 37 11.98 -9.37 -19.38
CA PHE A 37 12.81 -9.65 -18.21
C PHE A 37 13.04 -8.40 -17.38
N LEU A 38 13.51 -7.33 -18.01
CA LEU A 38 13.77 -6.10 -17.30
C LEU A 38 12.52 -5.48 -16.68
N LEU A 39 11.39 -5.56 -17.38
CA LEU A 39 10.16 -4.98 -16.86
C LEU A 39 9.60 -5.66 -15.60
N ARG A 40 9.99 -6.90 -15.36
CA ARG A 40 9.52 -7.59 -14.16
C ARG A 40 10.12 -6.89 -12.94
N TRP A 41 11.40 -6.52 -13.04
CA TRP A 41 12.07 -5.82 -11.95
C TRP A 41 11.52 -4.41 -11.77
N LEU A 42 11.26 -3.72 -12.88
CA LEU A 42 10.72 -2.36 -12.81
C LEU A 42 9.30 -2.35 -12.22
N ARG A 43 8.47 -3.30 -12.63
CA ARG A 43 7.12 -3.35 -12.09
C ARG A 43 7.16 -3.69 -10.59
N ALA A 44 8.06 -4.59 -10.20
CA ALA A 44 8.18 -5.00 -8.79
C ALA A 44 8.53 -3.83 -7.85
N ARG A 45 9.02 -2.73 -8.41
CA ARG A 45 9.39 -1.57 -7.62
C ARG A 45 8.76 -0.29 -8.16
N SER A 46 7.62 -0.44 -8.83
CA SER A 46 6.87 0.69 -9.38
C SER A 46 7.73 1.65 -10.20
N PHE A 47 8.58 1.08 -11.05
CA PHE A 47 9.45 1.86 -11.92
C PHE A 47 10.40 2.84 -11.25
N ASP A 48 10.75 2.56 -9.99
CA ASP A 48 11.70 3.39 -9.26
C ASP A 48 13.03 2.82 -9.74
N LEU A 49 13.73 3.56 -10.58
CA LEU A 49 15.00 3.11 -11.17
C LEU A 49 16.03 2.62 -10.17
N GLN A 50 16.20 3.36 -9.10
CA GLN A 50 17.21 3.02 -8.10
C GLN A 50 16.85 1.73 -7.37
N LYS A 51 15.61 1.60 -6.94
CA LYS A 51 15.21 0.38 -6.23
C LYS A 51 15.21 -0.82 -7.19
N SER A 52 14.78 -0.61 -8.42
CA SER A 52 14.75 -1.71 -9.39
C SER A 52 16.14 -2.21 -9.68
N GLU A 53 17.10 -1.28 -9.76
CA GLU A 53 18.48 -1.66 -10.04
C GLU A 53 19.06 -2.45 -8.87
N ALA A 54 18.81 -1.96 -7.65
CA ALA A 54 19.32 -2.64 -6.47
C ALA A 54 18.76 -4.06 -6.44
N LEU A 56 17.70 -5.95 -9.00
CA LEU A 56 18.30 -6.81 -10.03
C LEU A 56 19.77 -7.15 -9.73
N ARG A 57 20.54 -6.19 -9.22
CA ARG A 57 21.93 -6.47 -8.92
C ARG A 57 22.03 -7.49 -7.80
N LYS A 58 21.12 -7.42 -6.83
CA LYS A 58 21.12 -8.40 -5.75
C LYS A 58 20.76 -9.77 -6.33
N HIS A 59 19.89 -9.80 -7.33
CA HIS A 59 19.52 -11.07 -7.96
C HIS A 59 20.73 -11.66 -8.67
N VAL A 60 21.47 -10.80 -9.39
CA VAL A 60 22.66 -11.25 -10.12
C VAL A 60 23.68 -11.86 -9.15
N GLU A 61 23.86 -11.25 -7.99
CA GLU A 61 24.78 -11.74 -6.99
C GLU A 61 24.27 -13.09 -6.49
N PHE A 62 22.94 -13.19 -6.34
CA PHE A 62 22.31 -14.42 -5.89
C PHE A 62 22.55 -15.56 -6.88
N ARG A 63 22.42 -15.28 -8.18
CA ARG A 63 22.63 -16.31 -9.18
C ARG A 63 24.05 -16.85 -9.11
N LYS A 64 25.00 -15.96 -8.89
CA LYS A 64 26.41 -16.34 -8.79
C LYS A 64 26.65 -17.22 -7.57
N GLN A 65 26.26 -16.73 -6.40
CA GLN A 65 26.48 -17.48 -5.17
C GLN A 65 25.71 -18.78 -5.03
N LYS A 66 24.62 -18.93 -5.77
CA LYS A 66 23.83 -20.17 -5.71
C LYS A 66 24.06 -21.01 -6.96
N ASP A 67 24.92 -20.54 -7.85
CA ASP A 67 25.23 -21.24 -9.09
C ASP A 67 23.93 -21.63 -9.79
N ILE A 68 23.05 -20.65 -9.97
CA ILE A 68 21.76 -20.88 -10.61
C ILE A 68 21.90 -21.39 -12.05
N ASP A 69 22.93 -20.93 -12.76
CA ASP A 69 23.13 -21.35 -14.15
C ASP A 69 23.24 -22.87 -14.31
N ASN A 70 23.66 -23.56 -13.25
CA ASN A 70 23.81 -25.02 -13.28
C ASN A 70 22.89 -25.78 -12.32
N ILE A 71 21.98 -25.08 -11.66
CA ILE A 71 21.12 -25.75 -10.70
C ILE A 71 20.18 -26.83 -11.26
N ILE A 72 19.71 -26.68 -12.50
CA ILE A 72 18.84 -27.71 -13.08
C ILE A 72 19.59 -29.04 -13.24
N SER A 73 20.90 -28.98 -13.45
CA SER A 73 21.70 -30.19 -13.62
C SER A 73 22.07 -30.80 -12.27
N TRP A 74 21.90 -30.03 -11.19
CA TRP A 74 22.18 -30.51 -9.83
C TRP A 74 21.04 -31.43 -9.40
N GLN A 75 21.37 -32.60 -8.89
CA GLN A 75 20.34 -33.54 -8.45
C GLN A 75 20.13 -33.45 -6.93
N PRO A 76 18.90 -33.18 -6.49
CA PRO A 76 18.60 -33.08 -5.07
C PRO A 76 18.76 -34.44 -4.37
N PRO A 77 18.99 -34.44 -3.05
CA PRO A 77 19.16 -35.68 -2.29
C PRO A 77 17.97 -36.60 -2.51
N GLU A 78 18.22 -37.91 -2.50
CA GLU A 78 17.19 -38.91 -2.72
C GLU A 78 15.92 -38.74 -1.87
N VAL A 79 16.09 -38.50 -0.57
CA VAL A 79 14.94 -38.36 0.32
C VAL A 79 14.07 -37.16 -0.09
N ILE A 80 14.69 -36.11 -0.61
CA ILE A 80 13.95 -34.94 -1.04
C ILE A 80 13.17 -35.26 -2.32
N GLN A 81 13.81 -35.93 -3.28
CA GLN A 81 13.13 -36.28 -4.52
C GLN A 81 11.94 -37.21 -4.26
N GLN A 82 12.09 -38.13 -3.32
CA GLN A 82 11.02 -39.06 -3.01
C GLN A 82 9.86 -38.49 -2.21
N TYR A 83 10.14 -37.64 -1.22
CA TYR A 83 9.08 -37.14 -0.36
C TYR A 83 8.67 -35.68 -0.38
N LEU A 84 9.38 -34.82 -1.10
CA LEU A 84 8.96 -33.42 -1.16
C LEU A 84 7.75 -33.36 -2.10
N SER A 85 6.60 -33.03 -1.54
CA SER A 85 5.37 -32.98 -2.32
C SER A 85 5.34 -31.82 -3.32
N GLY A 86 4.41 -31.91 -4.28
CA GLY A 86 4.27 -30.87 -5.27
C GLY A 86 4.68 -31.35 -6.66
N GLY A 87 4.42 -30.54 -7.67
CA GLY A 87 4.81 -30.92 -9.02
C GLY A 87 4.22 -30.04 -10.10
N CYS A 89 2.31 -29.71 -13.51
CA CYS A 89 1.39 -30.56 -14.24
C CYS A 89 0.37 -29.76 -15.03
N GLY A 90 0.46 -29.86 -16.36
CA GLY A 90 -0.47 -29.15 -17.22
C GLY A 90 -0.17 -27.67 -17.45
N TYR A 91 -0.96 -27.05 -18.33
CA TYR A 91 -0.80 -25.64 -18.66
C TYR A 91 -2.17 -25.00 -18.58
N ASP A 92 -2.24 -23.74 -18.19
CA ASP A 92 -3.54 -23.11 -18.11
C ASP A 92 -3.96 -22.63 -19.50
N LEU A 93 -5.19 -22.11 -19.60
CA LEU A 93 -5.73 -21.68 -20.89
C LEU A 93 -4.87 -20.68 -21.65
N ASP A 94 -3.96 -19.99 -20.95
CA ASP A 94 -3.10 -19.03 -21.60
C ASP A 94 -1.76 -19.65 -22.00
N GLY A 95 -1.57 -20.90 -21.62
CA GLY A 95 -0.33 -21.58 -21.95
C GLY A 95 0.70 -21.56 -20.83
N CYS A 96 0.36 -20.94 -19.70
CA CYS A 96 1.26 -20.86 -18.56
C CYS A 96 1.33 -22.17 -17.79
N PRO A 97 2.53 -22.56 -17.36
CA PRO A 97 2.70 -23.80 -16.61
C PRO A 97 1.92 -23.75 -15.29
N VAL A 98 1.39 -24.88 -14.87
CA VAL A 98 0.64 -24.95 -13.62
C VAL A 98 1.48 -25.74 -12.60
N TRP A 99 1.59 -25.21 -11.39
CA TRP A 99 2.34 -25.90 -10.34
C TRP A 99 1.39 -26.25 -9.20
N TYR A 100 1.50 -27.49 -8.73
CA TYR A 100 0.66 -27.98 -7.63
C TYR A 100 1.45 -28.06 -6.33
N ASP A 101 0.91 -27.46 -5.28
CA ASP A 101 1.52 -27.53 -3.94
C ASP A 101 0.58 -28.42 -3.12
N ILE A 102 1.13 -29.50 -2.55
CA ILE A 102 0.35 -30.43 -1.74
C ILE A 102 0.85 -30.36 -0.28
N ILE A 103 0.22 -29.51 0.51
CA ILE A 103 0.62 -29.28 1.90
C ILE A 103 0.33 -30.37 2.93
N GLY A 104 -0.91 -30.87 2.94
CA GLY A 104 -1.32 -31.88 3.90
C GLY A 104 -0.38 -33.02 4.22
N PRO A 105 0.03 -33.82 3.23
CA PRO A 105 0.93 -34.95 3.50
C PRO A 105 2.42 -34.62 3.57
N LEU A 106 2.77 -33.34 3.56
CA LEU A 106 4.17 -32.96 3.66
C LEU A 106 4.64 -33.25 5.09
N ASP A 107 5.77 -33.94 5.20
CA ASP A 107 6.35 -34.29 6.50
C ASP A 107 7.57 -33.40 6.73
N ALA A 108 7.34 -32.16 7.15
CA ALA A 108 8.41 -31.20 7.37
C ALA A 108 9.48 -31.70 8.32
N LYS A 109 9.08 -32.31 9.44
CA LYS A 109 10.05 -32.83 10.40
C LYS A 109 10.93 -33.89 9.75
N GLY A 110 10.29 -34.79 9.01
CA GLY A 110 11.04 -35.84 8.35
C GLY A 110 12.09 -35.29 7.39
N LEU A 111 11.71 -34.28 6.60
CA LEU A 111 12.62 -33.67 5.65
C LEU A 111 13.77 -32.97 6.35
N LEU A 112 13.45 -32.14 7.35
CA LEU A 112 14.49 -31.42 8.08
C LEU A 112 15.40 -32.33 8.90
N PHE A 113 14.93 -33.53 9.23
CA PHE A 113 15.76 -34.46 10.00
C PHE A 113 16.57 -35.35 9.07
N SER A 114 16.26 -35.33 7.77
CA SER A 114 16.94 -36.19 6.80
C SER A 114 17.77 -35.46 5.74
N ALA A 115 17.69 -34.13 5.72
CA ALA A 115 18.44 -33.36 4.73
C ALA A 115 18.77 -31.99 5.32
N SER A 116 19.73 -31.30 4.71
CA SER A 116 20.10 -29.98 5.20
C SER A 116 19.08 -28.98 4.73
N LYS A 117 18.93 -27.89 5.47
CA LYS A 117 17.98 -26.85 5.11
C LYS A 117 18.44 -26.20 3.80
N GLN A 118 19.75 -26.24 3.57
CA GLN A 118 20.32 -25.67 2.35
C GLN A 118 19.88 -26.43 1.09
N ASP A 119 19.86 -27.76 1.18
CA ASP A 119 19.46 -28.58 0.04
C ASP A 119 17.96 -28.49 -0.19
N LEU A 120 17.21 -28.25 0.87
CA LEU A 120 15.77 -28.12 0.75
C LEU A 120 15.48 -26.82 0.02
N LEU A 121 16.16 -25.75 0.40
CA LEU A 121 15.97 -24.45 -0.22
C LEU A 121 16.45 -24.48 -1.67
N ARG A 122 17.57 -25.14 -1.90
CA ARG A 122 18.11 -25.24 -3.25
C ARG A 122 17.14 -26.02 -4.15
N THR A 123 16.50 -27.05 -3.60
CA THR A 123 15.54 -27.84 -4.38
C THR A 123 14.39 -26.93 -4.81
N LYS A 124 13.96 -26.05 -3.91
CA LYS A 124 12.88 -25.12 -4.21
C LYS A 124 13.32 -24.12 -5.29
N ARG A 126 15.46 -24.69 -7.55
CA ARG A 126 15.50 -25.50 -8.76
C ARG A 126 14.12 -25.68 -9.39
N GLU A 127 13.08 -25.79 -8.57
CA GLU A 127 11.73 -25.94 -9.07
C GLU A 127 11.36 -24.63 -9.78
N CYS A 128 11.78 -23.52 -9.22
CA CYS A 128 11.51 -22.20 -9.80
C CYS A 128 12.20 -22.07 -11.17
N GLU A 129 13.42 -22.58 -11.27
CA GLU A 129 14.17 -22.52 -12.51
C GLU A 129 13.55 -23.48 -13.52
N LEU A 130 13.06 -24.62 -13.04
CA LEU A 130 12.42 -25.58 -13.93
C LEU A 130 11.16 -24.96 -14.50
N LEU A 131 10.44 -24.21 -13.67
CA LEU A 131 9.23 -23.54 -14.10
C LEU A 131 9.57 -22.45 -15.13
N LEU A 132 10.59 -21.64 -14.85
CA LEU A 132 10.97 -20.60 -15.79
C LEU A 132 11.41 -21.22 -17.12
N GLN A 133 12.07 -22.37 -17.05
CA GLN A 133 12.53 -23.06 -18.27
C GLN A 133 11.31 -23.55 -19.04
N GLU A 134 10.27 -23.97 -18.31
CA GLU A 134 9.07 -24.45 -18.96
C GLU A 134 8.41 -23.27 -19.68
N CYS A 135 8.45 -22.10 -19.05
CA CYS A 135 7.87 -20.89 -19.64
C CYS A 135 8.59 -20.56 -20.95
N ALA A 136 9.91 -20.76 -20.97
CA ALA A 136 10.71 -20.51 -22.16
C ALA A 136 10.33 -21.48 -23.27
N HIS A 137 10.08 -22.74 -22.91
CA HIS A 137 9.67 -23.72 -23.92
C HIS A 137 8.29 -23.40 -24.45
N GLN A 138 7.39 -22.95 -23.57
CA GLN A 138 6.04 -22.59 -23.98
C GLN A 138 6.10 -21.37 -24.90
N THR A 139 7.01 -20.45 -24.60
CA THR A 139 7.17 -19.25 -25.41
C THR A 139 7.50 -19.65 -26.86
N THR A 140 8.41 -20.61 -27.03
CA THR A 140 8.80 -21.08 -28.36
C THR A 140 7.65 -21.81 -29.06
N LYS A 141 7.02 -22.74 -28.34
CA LYS A 141 5.92 -23.52 -28.91
C LYS A 141 4.68 -22.70 -29.26
N LEU A 142 4.31 -21.72 -28.43
CA LEU A 142 3.12 -20.91 -28.67
C LEU A 142 3.36 -19.65 -29.51
N GLY A 143 4.62 -19.34 -29.80
CA GLY A 143 4.94 -18.17 -30.61
C GLY A 143 4.69 -16.82 -29.96
N ARG A 144 4.67 -16.80 -28.63
CA ARG A 144 4.45 -15.58 -27.88
C ARG A 144 5.05 -15.74 -26.49
N LYS A 145 5.38 -14.62 -25.85
CA LYS A 145 5.99 -14.66 -24.53
C LYS A 145 5.13 -15.22 -23.40
N VAL A 146 5.65 -16.25 -22.75
CA VAL A 146 4.99 -16.87 -21.62
C VAL A 146 6.05 -16.77 -20.51
N GLU A 147 5.73 -16.06 -19.43
CA GLU A 147 6.68 -15.87 -18.33
C GLU A 147 6.06 -15.94 -16.94
N THR A 148 4.81 -16.39 -16.85
CA THR A 148 4.16 -16.48 -15.56
C THR A 148 3.61 -17.88 -15.30
N ILE A 149 3.31 -18.18 -14.05
CA ILE A 149 2.83 -19.48 -13.66
C ILE A 149 1.55 -19.45 -12.83
N THR A 150 0.76 -20.51 -12.95
CA THR A 150 -0.48 -20.63 -12.19
C THR A 150 -0.24 -21.69 -11.13
N ILE A 151 -0.65 -21.41 -9.90
CA ILE A 151 -0.45 -22.37 -8.82
C ILE A 151 -1.74 -22.90 -8.19
N ILE A 152 -1.79 -24.20 -7.96
CA ILE A 152 -2.94 -24.80 -7.29
C ILE A 152 -2.38 -25.21 -5.94
N TYR A 153 -2.85 -24.55 -4.90
CA TYR A 153 -2.35 -24.79 -3.55
C TYR A 153 -3.36 -25.62 -2.75
N ASP A 154 -3.12 -26.92 -2.69
CA ASP A 154 -4.00 -27.84 -2.00
C ASP A 154 -3.78 -27.88 -0.50
N CYS A 155 -4.68 -27.26 0.25
CA CYS A 155 -4.58 -27.22 1.71
C CYS A 155 -5.33 -28.32 2.44
N GLU A 156 -5.81 -29.32 1.71
CA GLU A 156 -6.50 -30.43 2.37
C GLU A 156 -5.51 -31.14 3.28
N GLY A 157 -5.90 -31.30 4.54
CA GLY A 157 -5.00 -31.97 5.49
C GLY A 157 -4.11 -30.99 6.24
N LEU A 158 -4.27 -29.69 5.98
CA LEU A 158 -3.49 -28.67 6.69
C LEU A 158 -3.92 -28.79 8.16
N GLY A 159 -2.96 -28.99 9.05
CA GLY A 159 -3.30 -29.14 10.45
C GLY A 159 -2.29 -28.49 11.37
N LEU A 160 -2.49 -28.67 12.68
CA LEU A 160 -1.61 -28.08 13.67
C LEU A 160 -0.15 -28.50 13.52
N LYS A 161 0.09 -29.69 12.99
CA LYS A 161 1.47 -30.16 12.82
C LYS A 161 2.26 -29.28 11.85
N HIS A 162 1.56 -28.57 10.96
CA HIS A 162 2.22 -27.71 9.98
C HIS A 162 2.64 -26.37 10.56
N LEU A 163 2.29 -26.11 11.81
CA LEU A 163 2.64 -24.84 12.45
C LEU A 163 3.99 -24.94 13.17
N TRP A 164 4.55 -26.15 13.19
CA TRP A 164 5.86 -26.38 13.83
C TRP A 164 6.81 -25.29 13.36
N LYS A 165 7.25 -24.46 14.31
CA LYS A 165 8.10 -23.30 14.03
C LYS A 165 9.27 -23.47 13.05
N PRO A 166 10.16 -24.45 13.27
CA PRO A 166 11.29 -24.62 12.34
C PRO A 166 10.84 -24.79 10.89
N ALA A 167 9.74 -25.50 10.67
CA ALA A 167 9.22 -25.70 9.31
C ALA A 167 8.73 -24.39 8.71
N VAL A 168 7.98 -23.62 9.50
CA VAL A 168 7.46 -22.34 9.07
C VAL A 168 8.57 -21.35 8.73
N GLU A 169 9.63 -21.35 9.54
CA GLU A 169 10.75 -20.45 9.31
C GLU A 169 11.47 -20.81 8.02
N ALA A 170 11.67 -22.10 7.79
CA ALA A 170 12.34 -22.57 6.58
C ALA A 170 11.51 -22.16 5.38
N TYR A 171 10.21 -22.38 5.47
CA TYR A 171 9.31 -22.02 4.37
C TYR A 171 9.38 -20.51 4.15
N GLY A 172 9.48 -19.76 5.25
CA GLY A 172 9.58 -18.31 5.14
C GLY A 172 10.83 -17.90 4.37
N GLU A 173 11.90 -18.66 4.53
CA GLU A 173 13.16 -18.38 3.83
C GLU A 173 12.97 -18.57 2.33
N PHE A 174 12.24 -19.62 1.96
CA PHE A 174 11.95 -19.87 0.56
C PHE A 174 11.13 -18.71 -0.01
N LEU A 175 10.06 -18.34 0.69
CA LEU A 175 9.18 -17.28 0.22
C LEU A 175 9.92 -15.95 -0.02
N CYS A 176 10.83 -15.60 0.88
CA CYS A 176 11.57 -14.35 0.70
C CYS A 176 12.49 -14.45 -0.52
N PHE A 178 11.91 -16.36 -3.14
CA PHE A 178 11.02 -16.29 -4.29
C PHE A 178 10.66 -14.84 -4.60
N GLU A 179 10.27 -14.09 -3.56
CA GLU A 179 9.89 -12.68 -3.74
C GLU A 179 11.03 -11.80 -4.25
N GLU A 180 12.26 -12.10 -3.82
CA GLU A 180 13.41 -11.29 -4.25
C GLU A 180 14.03 -11.71 -5.59
N ASN A 181 13.84 -12.96 -5.97
CA ASN A 181 14.46 -13.45 -7.20
C ASN A 181 13.58 -13.82 -8.37
N TYR A 182 12.27 -13.94 -8.14
CA TYR A 182 11.34 -14.27 -9.21
C TYR A 182 10.15 -13.34 -9.19
N PRO A 183 10.40 -12.02 -9.23
CA PRO A 183 9.33 -11.02 -9.22
C PRO A 183 8.45 -11.12 -10.46
N GLU A 184 7.19 -10.72 -10.32
CA GLU A 184 6.25 -10.73 -11.42
C GLU A 184 6.21 -12.06 -12.17
N THR A 185 6.35 -13.17 -11.43
CA THR A 185 6.33 -14.49 -12.03
C THR A 185 5.04 -15.23 -11.67
N LEU A 186 4.52 -14.99 -10.48
CA LEU A 186 3.28 -15.63 -10.07
C LEU A 186 2.15 -14.91 -10.79
N LYS A 187 1.27 -15.68 -11.41
CA LYS A 187 0.13 -15.13 -12.15
C LYS A 187 -1.13 -15.18 -11.29
N ARG A 188 -1.38 -16.34 -10.70
CA ARG A 188 -2.56 -16.56 -9.88
C ARG A 188 -2.33 -17.79 -9.00
N LEU A 189 -2.84 -17.75 -7.78
CA LEU A 189 -2.69 -18.88 -6.87
C LEU A 189 -4.04 -19.22 -6.25
N PHE A 190 -4.50 -20.43 -6.54
CA PHE A 190 -5.77 -20.92 -6.05
C PHE A 190 -5.61 -21.77 -4.79
N VAL A 191 -6.15 -21.30 -3.67
CA VAL A 191 -6.09 -22.08 -2.45
C VAL A 191 -7.34 -22.95 -2.46
N VAL A 192 -7.17 -24.26 -2.49
CA VAL A 192 -8.32 -25.16 -2.52
C VAL A 192 -8.39 -26.07 -1.30
N LYS A 193 -9.61 -26.35 -0.86
CA LYS A 193 -9.86 -27.21 0.30
C LYS A 193 -9.25 -26.70 1.61
N ALA A 194 -9.21 -25.38 1.76
CA ALA A 194 -8.66 -24.76 2.96
C ALA A 194 -9.51 -25.17 4.16
N PRO A 195 -8.87 -25.73 5.21
CA PRO A 195 -9.59 -26.14 6.42
C PRO A 195 -9.75 -24.98 7.41
N LYS A 196 -10.30 -25.28 8.58
CA LYS A 196 -10.53 -24.27 9.61
C LYS A 196 -9.28 -23.54 10.09
N LEU A 197 -8.14 -24.22 10.05
CA LEU A 197 -6.89 -23.63 10.50
C LEU A 197 -6.25 -22.65 9.50
N PHE A 198 -6.78 -22.55 8.30
CA PHE A 198 -6.20 -21.66 7.27
C PHE A 198 -5.89 -20.22 7.71
N PRO A 199 -6.85 -19.50 8.31
CA PRO A 199 -6.57 -18.12 8.73
C PRO A 199 -5.34 -17.94 9.63
N VAL A 200 -5.09 -18.91 10.50
CA VAL A 200 -3.93 -18.84 11.39
C VAL A 200 -2.67 -19.20 10.61
N ALA A 201 -2.75 -20.27 9.83
CA ALA A 201 -1.61 -20.72 9.03
C ALA A 201 -1.19 -19.66 8.02
N TYR A 202 -2.16 -19.04 7.36
CA TYR A 202 -1.84 -18.00 6.38
C TYR A 202 -1.20 -16.80 7.06
N ASN A 203 -1.71 -16.40 8.22
CA ASN A 203 -1.19 -15.25 8.96
C ASN A 203 0.29 -15.44 9.29
N LEU A 204 0.71 -16.69 9.41
CA LEU A 204 2.11 -17.01 9.71
C LEU A 204 3.06 -16.71 8.55
N ILE A 205 2.62 -16.88 7.31
CA ILE A 205 3.51 -16.62 6.18
C ILE A 205 3.22 -15.31 5.44
N LYS A 206 2.08 -14.72 5.74
CA LYS A 206 1.66 -13.46 5.13
C LYS A 206 2.75 -12.38 5.17
N PRO A 207 3.49 -12.28 6.30
CA PRO A 207 4.54 -11.26 6.40
C PRO A 207 5.64 -11.44 5.34
N PHE A 208 5.80 -12.67 4.84
CA PHE A 208 6.82 -12.96 3.86
C PHE A 208 6.40 -12.66 2.41
N LEU A 209 5.12 -12.37 2.22
CA LEU A 209 4.60 -12.12 0.88
C LEU A 209 4.45 -10.64 0.51
N SER A 210 4.85 -10.31 -0.71
CA SER A 210 4.75 -8.95 -1.23
C SER A 210 3.27 -8.66 -1.48
N GLU A 211 2.92 -7.38 -1.58
CA GLU A 211 1.53 -7.02 -1.83
C GLU A 211 1.08 -7.62 -3.16
N ASP A 212 1.98 -7.65 -4.15
CA ASP A 212 1.65 -8.21 -5.46
C ASP A 212 1.28 -9.69 -5.37
N THR A 213 2.02 -10.45 -4.56
CA THR A 213 1.73 -11.87 -4.41
C THR A 213 0.40 -12.07 -3.68
N ARG A 214 0.20 -11.33 -2.59
CA ARG A 214 -1.04 -11.44 -1.81
C ARG A 214 -2.26 -11.20 -2.68
N LYS A 215 -2.19 -10.21 -3.57
CA LYS A 215 -3.33 -9.88 -4.44
C LYS A 215 -3.67 -10.99 -5.43
N LYS A 216 -2.71 -11.89 -5.69
CA LYS A 216 -2.93 -12.96 -6.64
C LYS A 216 -3.48 -14.23 -6.00
N ILE A 217 -3.61 -14.24 -4.69
CA ILE A 217 -4.14 -15.41 -3.99
C ILE A 217 -5.66 -15.41 -3.97
N VAL A 219 -8.80 -17.63 -2.48
CA VAL A 219 -9.25 -18.74 -1.64
C VAL A 219 -10.58 -19.21 -2.23
N LEU A 220 -10.59 -20.45 -2.71
CA LEU A 220 -11.79 -21.02 -3.33
C LEU A 220 -12.70 -21.77 -2.39
N GLY A 221 -14.00 -21.76 -2.70
CA GLY A 221 -14.97 -22.44 -1.88
C GLY A 221 -15.29 -23.86 -2.32
N ALA A 222 -16.51 -24.29 -2.03
CA ALA A 222 -16.97 -25.64 -2.36
C ALA A 222 -16.96 -25.95 -3.86
N ASN A 223 -17.13 -24.93 -4.68
CA ASN A 223 -17.14 -25.13 -6.13
C ASN A 223 -15.76 -24.91 -6.75
N TRP A 224 -14.71 -25.15 -5.98
CA TRP A 224 -13.36 -24.92 -6.49
C TRP A 224 -13.05 -25.62 -7.82
N LYS A 225 -13.53 -26.84 -8.01
CA LYS A 225 -13.26 -27.56 -9.26
C LYS A 225 -13.78 -26.79 -10.48
N GLU A 226 -14.96 -26.21 -10.35
CA GLU A 226 -15.54 -25.43 -11.45
C GLU A 226 -14.74 -24.16 -11.70
N VAL A 227 -14.21 -23.58 -10.62
CA VAL A 227 -13.43 -22.36 -10.77
C VAL A 227 -12.14 -22.67 -11.54
N LEU A 228 -11.51 -23.79 -11.22
CA LEU A 228 -10.27 -24.19 -11.89
C LEU A 228 -10.53 -24.37 -13.40
N LEU A 229 -11.67 -24.97 -13.72
CA LEU A 229 -12.02 -25.21 -15.12
C LEU A 229 -12.39 -23.95 -15.89
N LYS A 230 -12.33 -22.81 -15.23
CA LYS A 230 -12.60 -21.54 -15.89
C LYS A 230 -11.26 -20.95 -16.33
N HIS A 231 -10.17 -21.52 -15.82
CA HIS A 231 -8.82 -21.03 -16.15
C HIS A 231 -7.92 -22.09 -16.77
N ILE A 232 -8.27 -23.35 -16.55
CA ILE A 232 -7.48 -24.45 -17.09
C ILE A 232 -8.37 -25.46 -17.81
N SER A 233 -7.97 -25.87 -19.00
CA SER A 233 -8.72 -26.83 -19.77
C SER A 233 -8.78 -28.15 -19.01
N PRO A 234 -9.94 -28.84 -19.04
CA PRO A 234 -10.14 -30.12 -18.36
C PRO A 234 -9.09 -31.19 -18.62
N ASP A 235 -8.57 -31.26 -19.84
CA ASP A 235 -7.56 -32.27 -20.17
C ASP A 235 -6.21 -31.95 -19.55
N GLN A 236 -6.08 -30.74 -19.00
CA GLN A 236 -4.82 -30.32 -18.37
C GLN A 236 -4.87 -30.41 -16.85
N VAL A 237 -6.02 -30.83 -16.33
CA VAL A 237 -6.20 -30.95 -14.88
C VAL A 237 -6.42 -32.39 -14.46
N PRO A 238 -5.65 -32.87 -13.48
CA PRO A 238 -5.83 -34.25 -13.03
C PRO A 238 -7.28 -34.54 -12.63
N VAL A 239 -7.70 -35.79 -12.76
CA VAL A 239 -9.04 -36.19 -12.37
C VAL A 239 -9.23 -35.78 -10.92
N GLU A 240 -8.20 -36.03 -10.11
CA GLU A 240 -8.20 -35.69 -8.68
C GLU A 240 -8.63 -34.26 -8.41
N TYR A 241 -8.33 -33.34 -9.33
CA TYR A 241 -8.69 -31.95 -9.15
C TYR A 241 -9.81 -31.45 -10.05
N GLY A 242 -10.62 -32.37 -10.55
CA GLY A 242 -11.76 -31.99 -11.38
C GLY A 242 -11.60 -32.05 -12.88
N GLY A 243 -10.44 -32.52 -13.35
CA GLY A 243 -10.22 -32.62 -14.78
C GLY A 243 -10.33 -34.03 -15.30
N THR A 244 -9.79 -34.28 -16.48
CA THR A 244 -9.85 -35.62 -17.08
C THR A 244 -8.48 -36.26 -17.22
N THR A 246 -5.07 -38.20 -16.36
CA THR A 246 -4.67 -39.30 -15.48
C THR A 246 -3.29 -39.79 -15.91
N ASP A 247 -2.67 -40.66 -15.11
CA ASP A 247 -1.38 -41.22 -15.48
C ASP A 247 -1.68 -42.29 -16.53
N PRO A 248 -0.65 -42.70 -17.30
CA PRO A 248 -0.87 -43.72 -18.33
C PRO A 248 -1.56 -44.96 -17.76
N ASP A 249 -1.27 -45.29 -16.50
CA ASP A 249 -1.87 -46.45 -15.87
C ASP A 249 -3.28 -46.15 -15.34
N GLY A 250 -3.77 -44.95 -15.63
CA GLY A 250 -5.11 -44.58 -15.18
C GLY A 250 -5.26 -43.92 -13.82
N ASN A 251 -4.14 -43.63 -13.16
CA ASN A 251 -4.20 -42.99 -11.84
C ASN A 251 -4.76 -41.57 -11.96
N PRO A 252 -5.83 -41.27 -11.22
CA PRO A 252 -6.51 -39.97 -11.21
C PRO A 252 -5.65 -38.82 -10.67
N LYS A 253 -4.69 -39.17 -9.83
CA LYS A 253 -3.82 -38.17 -9.19
C LYS A 253 -2.62 -37.75 -10.04
N CYS A 254 -2.38 -38.44 -11.14
CA CYS A 254 -1.26 -38.11 -12.01
C CYS A 254 0.03 -38.05 -11.17
N LYS A 255 0.31 -39.14 -10.49
CA LYS A 255 1.49 -39.23 -9.63
C LYS A 255 2.80 -39.24 -10.39
N SER A 256 2.75 -39.34 -11.72
CA SER A 256 3.97 -39.34 -12.52
C SER A 256 4.51 -37.92 -12.58
N LYS A 257 3.66 -36.94 -12.31
CA LYS A 257 4.06 -35.54 -12.34
C LYS A 257 3.96 -34.88 -10.96
N ILE A 258 3.00 -35.31 -10.16
CA ILE A 258 2.80 -34.71 -8.84
C ILE A 258 3.22 -35.62 -7.70
N ASN A 259 4.09 -35.10 -6.83
CA ASN A 259 4.55 -35.88 -5.70
C ASN A 259 3.57 -35.61 -4.56
N TYR A 260 3.05 -36.67 -3.94
CA TYR A 260 2.08 -36.50 -2.87
C TYR A 260 2.65 -36.64 -1.46
N GLY A 261 3.96 -36.50 -1.34
CA GLY A 261 4.62 -36.55 -0.06
C GLY A 261 4.57 -37.84 0.74
N GLY A 262 4.23 -37.71 2.02
CA GLY A 262 4.18 -38.88 2.89
C GLY A 262 5.26 -38.73 3.94
N ASP A 263 5.16 -39.50 5.03
CA ASP A 263 6.14 -39.45 6.10
C ASP A 263 7.45 -40.11 5.67
N ILE A 264 8.56 -39.47 6.00
CA ILE A 264 9.89 -39.98 5.64
C ILE A 264 10.32 -41.14 6.54
N PRO A 265 10.64 -42.29 5.95
CA PRO A 265 11.08 -43.47 6.70
C PRO A 265 12.29 -43.13 7.58
N ARG A 266 12.26 -43.62 8.82
CA ARG A 266 13.32 -43.35 9.79
C ARG A 266 14.73 -43.63 9.30
N LYS A 267 14.86 -44.58 8.36
CA LYS A 267 16.18 -44.93 7.85
C LYS A 267 16.92 -43.76 7.20
N TYR A 268 16.16 -42.74 6.76
CA TYR A 268 16.76 -41.57 6.12
C TYR A 268 17.26 -40.51 7.11
N TYR A 269 16.77 -40.55 8.35
CA TYR A 269 17.19 -39.55 9.34
C TYR A 269 18.69 -39.52 9.57
N VAL A 270 19.23 -38.33 9.81
CA VAL A 270 20.64 -38.15 10.10
C VAL A 270 20.71 -37.40 11.44
N ARG A 271 19.55 -37.09 11.98
CA ARG A 271 19.41 -36.39 13.25
C ARG A 271 17.99 -36.62 13.75
N ASP A 272 17.76 -36.42 15.04
CA ASP A 272 16.44 -36.64 15.62
C ASP A 272 15.79 -35.31 15.96
N GLN A 273 16.52 -34.23 15.73
CA GLN A 273 16.02 -32.90 16.02
C GLN A 273 16.92 -31.88 15.33
N VAL A 274 16.41 -30.68 15.10
CA VAL A 274 17.19 -29.62 14.49
C VAL A 274 17.72 -28.75 15.62
N LYS A 275 18.75 -27.95 15.33
CA LYS A 275 19.32 -27.07 16.34
C LYS A 275 18.21 -26.15 16.82
N GLN A 276 18.14 -25.93 18.14
CA GLN A 276 17.07 -25.11 18.70
C GLN A 276 17.48 -24.21 19.87
N GLN A 277 16.95 -22.99 19.89
CA GLN A 277 17.21 -22.03 20.96
C GLN A 277 15.86 -21.63 21.53
N TYR A 278 15.85 -21.16 22.76
CA TYR A 278 14.61 -20.77 23.42
C TYR A 278 14.65 -19.34 23.94
N GLU A 279 13.49 -18.70 23.99
CA GLU A 279 13.41 -17.31 24.43
C GLU A 279 13.42 -17.14 25.94
N HIS A 280 13.13 -18.21 26.67
CA HIS A 280 13.09 -18.14 28.13
C HIS A 280 13.68 -19.37 28.78
N SER A 281 14.11 -19.22 30.03
CA SER A 281 14.68 -20.32 30.77
C SER A 281 14.37 -20.10 32.23
N VAL A 282 13.94 -21.17 32.90
CA VAL A 282 13.63 -21.09 34.32
C VAL A 282 14.24 -22.29 35.04
N GLN A 283 14.46 -22.11 36.34
CA GLN A 283 15.01 -23.15 37.19
C GLN A 283 13.88 -23.53 38.14
N ILE A 284 13.39 -24.75 38.06
CA ILE A 284 12.28 -25.20 38.91
C ILE A 284 12.74 -26.12 40.05
N SER A 285 12.46 -25.68 41.28
CA SER A 285 12.85 -26.43 42.46
C SER A 285 12.11 -27.75 42.61
N ARG A 286 12.67 -28.63 43.44
CA ARG A 286 12.05 -29.91 43.69
C ARG A 286 10.65 -29.69 44.27
N GLY A 287 9.70 -30.51 43.82
CA GLY A 287 8.34 -30.41 44.30
C GLY A 287 7.65 -29.09 44.00
N SER A 288 8.20 -28.32 43.06
CA SER A 288 7.62 -27.03 42.75
C SER A 288 7.14 -26.94 41.29
N SER A 289 6.88 -25.73 40.83
CA SER A 289 6.40 -25.55 39.46
C SER A 289 6.64 -24.12 39.01
N HIS A 290 6.36 -23.86 37.73
CA HIS A 290 6.52 -22.51 37.19
C HIS A 290 5.39 -22.21 36.23
N GLN A 291 4.72 -21.08 36.45
CA GLN A 291 3.60 -20.68 35.61
C GLN A 291 3.96 -19.54 34.64
N VAL A 292 3.49 -19.66 33.41
CA VAL A 292 3.74 -18.66 32.38
C VAL A 292 2.37 -18.19 31.89
N GLU A 293 2.12 -16.90 31.97
CA GLU A 293 0.83 -16.35 31.58
C GLU A 293 0.75 -15.66 30.22
N TYR A 294 -0.35 -15.90 29.52
CA TYR A 294 -0.62 -15.27 28.24
C TYR A 294 -2.10 -14.93 28.17
N GLU A 295 -2.41 -13.70 27.82
CA GLU A 295 -3.80 -13.30 27.69
C GLU A 295 -4.25 -13.58 26.26
N ILE A 296 -5.34 -14.33 26.12
CA ILE A 296 -5.92 -14.67 24.82
C ILE A 296 -7.30 -14.01 24.82
N LEU A 297 -7.48 -12.99 24.00
CA LEU A 297 -8.74 -12.27 23.94
C LEU A 297 -9.55 -12.58 22.67
N PHE A 298 -8.84 -12.67 21.55
CA PHE A 298 -9.48 -12.95 20.27
C PHE A 298 -9.71 -14.45 20.03
N PRO A 299 -10.93 -14.82 19.60
CA PRO A 299 -11.20 -16.23 19.35
C PRO A 299 -10.46 -16.74 18.11
N GLY A 300 -10.19 -18.04 18.07
CA GLY A 300 -9.50 -18.60 16.92
C GLY A 300 -7.98 -18.59 17.04
N CYS A 301 -7.48 -18.17 18.20
CA CYS A 301 -6.04 -18.12 18.41
C CYS A 301 -5.48 -19.50 18.70
N VAL A 302 -4.19 -19.66 18.43
CA VAL A 302 -3.53 -20.92 18.66
C VAL A 302 -2.26 -20.70 19.46
N LEU A 303 -2.13 -21.44 20.56
CA LEU A 303 -0.92 -21.35 21.37
C LEU A 303 0.07 -22.34 20.77
N ARG A 304 1.30 -21.87 20.54
CA ARG A 304 2.32 -22.73 19.98
C ARG A 304 3.50 -22.68 20.93
N TRP A 305 4.07 -23.83 21.24
CA TRP A 305 5.19 -23.83 22.16
C TRP A 305 6.23 -24.88 21.83
N GLN A 306 7.40 -24.68 22.40
CA GLN A 306 8.51 -25.60 22.27
C GLN A 306 9.23 -25.50 23.60
N PHE A 307 9.64 -26.64 24.15
CA PHE A 307 10.38 -26.61 25.39
C PHE A 307 11.25 -27.84 25.54
N SER A 309 13.99 -29.75 28.64
CA SER A 309 14.43 -29.70 30.03
C SER A 309 15.83 -30.28 30.03
N ASP A 310 16.63 -29.90 31.02
CA ASP A 310 18.00 -30.39 31.10
C ASP A 310 18.19 -31.58 32.03
N GLY A 311 18.58 -32.71 31.45
CA GLY A 311 18.86 -33.90 32.25
C GLY A 311 17.73 -34.72 32.82
N ALA A 312 16.52 -34.18 32.88
CA ALA A 312 15.39 -34.94 33.43
C ALA A 312 14.07 -34.49 32.81
N ASP A 313 13.06 -35.34 32.91
CA ASP A 313 11.77 -35.00 32.33
C ASP A 313 11.09 -33.93 33.19
N VAL A 314 9.96 -33.42 32.72
CA VAL A 314 9.23 -32.40 33.44
C VAL A 314 7.76 -32.50 33.07
N GLY A 315 6.91 -32.04 33.98
CA GLY A 315 5.48 -32.07 33.73
C GLY A 315 5.04 -30.80 33.03
N PHE A 316 3.98 -30.91 32.23
CA PHE A 316 3.49 -29.76 31.48
C PHE A 316 1.98 -29.87 31.27
N GLY A 317 1.29 -28.75 31.47
CA GLY A 317 -0.14 -28.70 31.29
C GLY A 317 -0.54 -27.25 31.11
N ILE A 318 -1.71 -27.02 30.53
CA ILE A 318 -2.18 -25.67 30.29
C ILE A 318 -3.50 -25.47 31.00
N PHE A 319 -3.62 -24.35 31.70
CA PHE A 319 -4.83 -24.05 32.45
C PHE A 319 -5.37 -22.67 32.13
N LEU A 320 -6.60 -22.44 32.57
CA LEU A 320 -7.28 -21.17 32.34
C LEU A 320 -7.57 -20.57 33.73
N LYS A 321 -7.16 -19.32 33.95
CA LYS A 321 -7.40 -18.69 35.24
C LYS A 321 -8.87 -18.39 35.41
N GLU A 326 -3.20 -13.82 42.97
CA GLU A 326 -3.49 -14.27 41.59
C GLU A 326 -2.79 -15.59 41.27
N ARG A 327 -1.65 -15.83 41.91
CA ARG A 327 -0.90 -17.07 41.68
C ARG A 327 -1.72 -18.22 42.25
N GLN A 328 -2.47 -18.89 41.38
CA GLN A 328 -3.33 -19.98 41.81
C GLN A 328 -2.73 -21.36 41.64
N ARG A 329 -3.22 -22.30 42.45
CA ARG A 329 -2.80 -23.68 42.37
C ARG A 329 -3.50 -24.27 41.15
N ALA A 330 -2.91 -25.28 40.54
CA ALA A 330 -3.51 -25.90 39.37
C ALA A 330 -4.97 -26.30 39.62
N GLY A 331 -5.23 -26.85 40.80
CA GLY A 331 -6.58 -27.27 41.15
C GLY A 331 -7.61 -26.17 41.18
N GLU A 332 -7.18 -24.92 41.38
CA GLU A 332 -8.09 -23.78 41.41
C GLU A 332 -8.45 -23.32 40.00
N THR A 334 -8.99 -23.91 35.60
CA THR A 334 -9.66 -24.78 34.66
C THR A 334 -8.62 -25.46 33.76
N GLU A 335 -8.62 -26.80 33.76
CA GLU A 335 -7.67 -27.56 32.97
C GLU A 335 -8.05 -27.62 31.49
N VAL A 336 -7.21 -27.03 30.65
CA VAL A 336 -7.44 -27.03 29.20
C VAL A 336 -6.65 -28.15 28.51
N LEU A 337 -5.42 -28.38 28.97
CA LEU A 337 -4.58 -29.44 28.44
C LEU A 337 -4.06 -30.18 29.65
N PRO A 338 -4.60 -31.40 29.90
CA PRO A 338 -4.22 -32.23 31.04
C PRO A 338 -2.72 -32.33 31.30
N ASN A 339 -2.34 -32.09 32.55
CA ASN A 339 -0.95 -32.16 32.93
C ASN A 339 -0.41 -33.56 32.68
N GLN A 340 0.81 -33.63 32.16
CA GLN A 340 1.45 -34.90 31.86
C GLN A 340 2.96 -34.72 31.90
N ARG A 341 3.70 -35.80 32.13
CA ARG A 341 5.16 -35.71 32.15
C ARG A 341 5.70 -35.99 30.75
N TYR A 342 6.73 -35.25 30.36
CA TYR A 342 7.33 -35.41 29.04
C TYR A 342 8.83 -35.60 29.13
N ASN A 343 9.37 -36.48 28.28
CA ASN A 343 10.81 -36.72 28.28
C ASN A 343 11.47 -35.68 27.40
N SER A 344 11.22 -34.40 27.75
CA SER A 344 11.75 -33.27 27.00
C SER A 344 13.26 -33.11 27.14
N HIS A 345 13.89 -34.00 27.90
CA HIS A 345 15.34 -33.99 28.08
C HIS A 345 15.95 -34.91 27.03
N LEU A 346 15.13 -35.79 26.47
CA LEU A 346 15.57 -36.74 25.45
C LEU A 346 15.20 -36.22 24.08
N VAL A 347 13.94 -35.81 23.92
CA VAL A 347 13.46 -35.26 22.66
C VAL A 347 12.72 -33.96 22.93
N PRO A 348 13.16 -32.85 22.29
CA PRO A 348 12.53 -31.55 22.47
C PRO A 348 11.03 -31.66 22.24
N GLU A 349 10.25 -31.01 23.08
CA GLU A 349 8.81 -31.07 22.97
C GLU A 349 8.29 -29.83 22.23
N ASP A 350 7.23 -30.01 21.46
CA ASP A 350 6.62 -28.89 20.73
C ASP A 350 5.14 -29.22 20.64
N GLY A 351 4.29 -28.20 20.66
CA GLY A 351 2.87 -28.47 20.58
C GLY A 351 2.06 -27.24 20.25
N THR A 352 0.75 -27.43 20.14
CA THR A 352 -0.16 -26.35 19.80
C THR A 352 -1.49 -26.65 20.47
N LEU A 353 -2.25 -25.60 20.75
CA LEU A 353 -3.55 -25.71 21.37
C LEU A 353 -4.46 -24.63 20.80
N THR A 354 -5.64 -25.03 20.32
CA THR A 354 -6.57 -24.06 19.79
C THR A 354 -7.31 -23.46 20.98
N CYS A 355 -7.29 -22.14 21.09
CA CYS A 355 -7.93 -21.45 22.20
C CYS A 355 -9.32 -20.92 21.88
N SER A 356 -10.33 -21.73 22.13
CA SER A 356 -11.71 -21.33 21.85
C SER A 356 -12.20 -20.23 22.79
N ASP A 357 -12.09 -20.47 24.09
CA ASP A 357 -12.55 -19.51 25.08
C ASP A 357 -11.49 -18.47 25.47
N PRO A 358 -11.82 -17.17 25.33
CA PRO A 358 -10.86 -16.14 25.70
C PRO A 358 -10.55 -16.24 27.18
N GLY A 359 -9.51 -15.55 27.63
CA GLY A 359 -9.16 -15.60 29.04
C GLY A 359 -7.66 -15.56 29.27
N ILE A 360 -7.26 -15.87 30.50
CA ILE A 360 -5.86 -15.87 30.87
C ILE A 360 -5.36 -17.31 30.90
N TYR A 361 -4.57 -17.68 29.90
CA TYR A 361 -4.04 -19.04 29.84
C TYR A 361 -2.72 -19.13 30.58
N VAL A 362 -2.55 -20.24 31.29
CA VAL A 362 -1.34 -20.46 32.06
C VAL A 362 -0.69 -21.78 31.65
N LEU A 363 0.51 -21.69 31.12
CA LEU A 363 1.24 -22.91 30.77
C LEU A 363 2.01 -23.18 32.03
N ARG A 364 1.86 -24.38 32.56
CA ARG A 364 2.47 -24.73 33.83
C ARG A 364 3.45 -25.89 33.75
N PHE A 365 4.71 -25.60 34.09
CA PHE A 365 5.75 -26.62 34.11
C PHE A 365 5.68 -27.18 35.51
N ASP A 366 5.47 -28.49 35.58
CA ASP A 366 5.27 -29.18 36.83
C ASP A 366 6.39 -30.09 37.29
N ASN A 367 6.88 -29.86 38.51
CA ASN A 367 7.92 -30.68 39.12
C ASN A 367 7.48 -31.07 40.53
N THR A 368 6.19 -30.95 40.81
CA THR A 368 5.64 -31.28 42.14
C THR A 368 5.78 -32.75 42.53
N TYR A 369 6.00 -33.61 41.54
CA TYR A 369 6.14 -35.04 41.77
C TYR A 369 7.58 -35.49 41.95
N SER A 370 8.53 -34.58 41.81
CA SER A 370 9.93 -34.96 41.87
C SER A 370 10.80 -34.37 42.96
N PHE A 371 11.87 -35.10 43.29
CA PHE A 371 12.85 -34.66 44.27
C PHE A 371 14.04 -34.08 43.52
N ILE A 372 14.14 -34.37 42.23
CA ILE A 372 15.23 -33.82 41.43
C ILE A 372 15.06 -32.31 41.54
N HIS A 373 16.10 -31.64 42.02
CA HIS A 373 16.07 -30.21 42.25
C HIS A 373 16.57 -29.34 41.11
N ALA A 374 16.24 -28.06 41.19
CA ALA A 374 16.66 -27.07 40.21
C ALA A 374 16.63 -27.50 38.74
N LYS A 375 15.52 -28.08 38.30
CA LYS A 375 15.40 -28.51 36.90
C LYS A 375 15.33 -27.27 36.03
N LYS A 376 16.22 -27.21 35.05
CA LYS A 376 16.28 -26.08 34.13
C LYS A 376 15.35 -26.39 32.96
N VAL A 377 14.41 -25.49 32.69
CA VAL A 377 13.48 -25.68 31.57
C VAL A 377 13.62 -24.49 30.64
N ASN A 378 13.84 -24.78 29.36
CA ASN A 378 13.98 -23.73 28.35
C ASN A 378 12.73 -23.79 27.49
N PHE A 379 12.10 -22.64 27.24
CA PHE A 379 10.88 -22.65 26.45
C PHE A 379 10.65 -21.40 25.58
N THR A 380 9.78 -21.56 24.60
CA THR A 380 9.39 -20.48 23.72
C THR A 380 7.90 -20.68 23.50
N VAL A 381 7.11 -19.62 23.70
CA VAL A 381 5.67 -19.70 23.52
C VAL A 381 5.18 -18.50 22.75
N GLU A 382 4.17 -18.71 21.92
CA GLU A 382 3.59 -17.63 21.13
C GLU A 382 2.10 -17.83 20.95
N VAL A 383 1.36 -16.72 20.90
CA VAL A 383 -0.08 -16.78 20.67
C VAL A 383 -0.23 -16.45 19.18
N LEU A 384 -0.65 -17.42 18.39
CA LEU A 384 -0.82 -17.22 16.96
C LEU A 384 -2.23 -16.72 16.67
N LEU A 385 -2.33 -15.59 15.99
CA LEU A 385 -3.60 -14.97 15.64
C LEU A 385 -4.05 -15.28 14.22
N PRO A 386 -5.37 -15.35 13.99
CA PRO A 386 -5.92 -15.62 12.66
C PRO A 386 -5.94 -14.36 11.79
N ASP A 387 -5.68 -14.53 10.49
CA ASP A 387 -5.72 -13.39 9.59
C ASP A 387 -7.18 -13.00 9.45
N LYS A 388 -7.50 -11.77 9.82
CA LYS A 388 -8.87 -11.25 9.79
C LYS A 388 -9.59 -11.48 8.45
N ALA A 389 -9.00 -11.01 7.36
CA ALA A 389 -9.63 -11.18 6.06
C ALA A 389 -9.91 -12.66 5.76
N SER A 390 -8.94 -13.52 6.08
CA SER A 390 -9.10 -14.95 5.84
C SER A 390 -10.23 -15.54 6.67
N GLU A 391 -10.38 -15.06 7.91
CA GLU A 391 -11.46 -15.56 8.77
C GLU A 391 -12.78 -15.31 8.07
N GLU A 392 -12.93 -14.10 7.53
CA GLU A 392 -14.16 -13.75 6.83
C GLU A 392 -14.43 -14.66 5.65
N LYS A 393 -13.40 -14.97 4.88
CA LYS A 393 -13.57 -15.85 3.73
C LYS A 393 -14.08 -17.22 4.16
N LYS A 395 -16.03 -17.92 6.40
CA LYS A 395 -17.45 -17.82 6.74
C LYS A 395 -18.33 -17.79 5.49
N GLN A 396 -17.78 -17.22 4.41
CA GLN A 396 -18.50 -17.12 3.15
C GLN A 396 -18.59 -18.48 2.47
N LEU A 397 -17.45 -18.94 1.97
CA LEU A 397 -17.35 -20.21 1.26
C LEU A 397 -18.15 -21.33 1.94
N GLY A 398 -17.65 -21.88 2.95
N SER B 2 -29.07 11.89 1.76
CA SER B 2 -28.45 11.85 0.44
C SER B 2 -27.23 12.73 0.26
N GLY B 3 -27.05 13.70 1.15
CA GLY B 3 -25.91 14.59 1.02
C GLY B 3 -26.14 15.59 -0.11
N ARG B 4 -27.39 15.96 -0.31
CA ARG B 4 -27.78 16.92 -1.34
C ARG B 4 -28.50 18.08 -0.67
N VAL B 5 -28.44 19.26 -1.29
CA VAL B 5 -29.12 20.41 -0.74
C VAL B 5 -30.57 20.02 -0.43
N GLY B 6 -31.04 20.40 0.75
CA GLY B 6 -32.40 20.06 1.14
C GLY B 6 -32.50 18.72 1.84
N ASP B 7 -31.37 18.03 1.96
CA ASP B 7 -31.35 16.73 2.61
C ASP B 7 -29.96 16.41 3.13
N LEU B 8 -29.41 17.31 3.94
CA LEU B 8 -28.08 17.13 4.51
C LEU B 8 -28.17 16.80 5.99
N SER B 9 -27.36 15.85 6.43
CA SER B 9 -27.34 15.46 7.83
C SER B 9 -26.48 16.49 8.55
N PRO B 10 -26.56 16.55 9.89
CA PRO B 10 -25.73 17.53 10.60
C PRO B 10 -24.25 17.34 10.30
N ARG B 11 -23.84 16.08 10.11
CA ARG B 11 -22.45 15.76 9.81
C ARG B 11 -22.08 16.23 8.40
N GLN B 12 -22.99 16.07 7.46
CA GLN B 12 -22.75 16.49 6.08
C GLN B 12 -22.73 18.02 6.02
N LYS B 13 -23.59 18.65 6.81
CA LYS B 13 -23.63 20.11 6.85
C LYS B 13 -22.29 20.63 7.37
N GLU B 14 -21.77 19.94 8.39
CA GLU B 14 -20.49 20.31 8.97
C GLU B 14 -19.39 20.19 7.93
N ALA B 15 -19.34 19.05 7.24
CA ALA B 15 -18.32 18.81 6.23
C ALA B 15 -18.34 19.89 5.14
N LEU B 16 -19.53 20.21 4.64
CA LEU B 16 -19.67 21.22 3.60
C LEU B 16 -19.07 22.54 4.06
N ALA B 17 -19.33 22.89 5.32
CA ALA B 17 -18.83 24.14 5.90
C ALA B 17 -17.30 24.17 5.95
N LYS B 18 -16.70 23.10 6.44
CA LYS B 18 -15.25 23.01 6.53
C LYS B 18 -14.65 22.95 5.13
N PHE B 19 -15.32 22.24 4.23
CA PHE B 19 -14.84 22.10 2.86
C PHE B 19 -14.71 23.46 2.20
N ARG B 20 -15.78 24.26 2.27
CA ARG B 20 -15.76 25.59 1.69
C ARG B 20 -14.59 26.41 2.24
N GLU B 21 -14.31 26.24 3.53
CA GLU B 21 -13.21 26.97 4.17
C GLU B 21 -11.84 26.49 3.67
N ASN B 22 -11.71 25.17 3.48
CA ASN B 22 -10.44 24.59 3.02
C ASN B 22 -10.06 24.93 1.58
N VAL B 23 -11.06 25.12 0.72
CA VAL B 23 -10.79 25.44 -0.68
C VAL B 23 -11.09 26.89 -1.01
N GLN B 24 -11.25 27.70 0.04
CA GLN B 24 -11.54 29.12 -0.12
C GLN B 24 -10.59 29.81 -1.09
N ASP B 25 -9.35 29.34 -1.16
CA ASP B 25 -8.34 29.95 -2.02
C ASP B 25 -8.50 29.71 -3.53
N VAL B 26 -9.19 28.64 -3.92
CA VAL B 26 -9.34 28.35 -5.34
C VAL B 26 -10.73 28.68 -5.89
N LEU B 27 -11.67 28.99 -5.02
CA LEU B 27 -13.03 29.30 -5.44
C LEU B 27 -13.15 30.46 -6.43
N PRO B 28 -12.30 31.49 -6.30
CA PRO B 28 -12.41 32.61 -7.24
C PRO B 28 -12.11 32.17 -8.68
N ALA B 29 -11.48 31.01 -8.83
CA ALA B 29 -11.15 30.50 -10.16
C ALA B 29 -12.35 29.79 -10.78
N LEU B 30 -13.27 29.33 -9.95
CA LEU B 30 -14.45 28.61 -10.42
C LEU B 30 -15.63 29.53 -10.76
N PRO B 31 -16.38 29.18 -11.82
CA PRO B 31 -17.54 29.94 -12.30
C PRO B 31 -18.57 30.29 -11.22
N ASN B 32 -19.19 29.27 -10.65
CA ASN B 32 -20.22 29.46 -9.63
C ASN B 32 -20.05 28.38 -8.56
N PRO B 33 -19.12 28.58 -7.62
CA PRO B 33 -18.85 27.62 -6.53
C PRO B 33 -19.89 27.63 -5.41
N ASP B 34 -21.17 27.51 -5.73
CA ASP B 34 -22.20 27.49 -4.71
C ASP B 34 -22.24 26.13 -4.01
N ASP B 35 -23.15 25.95 -3.06
CA ASP B 35 -23.25 24.70 -2.32
C ASP B 35 -23.54 23.49 -3.21
N TYR B 36 -24.35 23.67 -4.25
CA TYR B 36 -24.62 22.55 -5.14
C TYR B 36 -23.30 22.09 -5.77
N PHE B 37 -22.50 23.06 -6.19
CA PHE B 37 -21.22 22.78 -6.81
C PHE B 37 -20.29 22.04 -5.86
N LEU B 38 -20.12 22.56 -4.66
CA LEU B 38 -19.23 21.92 -3.68
C LEU B 38 -19.68 20.52 -3.29
N LEU B 39 -20.99 20.30 -3.21
CA LEU B 39 -21.52 19.00 -2.82
C LEU B 39 -21.28 17.94 -3.88
N ARG B 40 -21.11 18.34 -5.14
CA ARG B 40 -20.85 17.33 -6.16
C ARG B 40 -19.52 16.65 -5.86
N TRP B 41 -18.53 17.44 -5.46
CA TRP B 41 -17.22 16.91 -5.17
C TRP B 41 -17.23 16.09 -3.87
N LEU B 42 -18.04 16.53 -2.91
CA LEU B 42 -18.14 15.83 -1.64
C LEU B 42 -18.84 14.48 -1.85
N ARG B 43 -19.97 14.47 -2.57
CA ARG B 43 -20.65 13.19 -2.80
C ARG B 43 -19.77 12.22 -3.57
N ALA B 44 -18.99 12.73 -4.51
CA ALA B 44 -18.11 11.88 -5.31
C ALA B 44 -17.07 11.16 -4.46
N ARG B 45 -16.79 11.69 -3.27
CA ARG B 45 -15.81 11.05 -2.38
C ARG B 45 -16.38 10.73 -0.99
N SER B 46 -17.68 10.48 -0.94
CA SER B 46 -18.38 10.16 0.31
C SER B 46 -18.05 11.10 1.45
N PHE B 47 -18.05 12.39 1.15
CA PHE B 47 -17.76 13.43 2.13
C PHE B 47 -16.42 13.33 2.84
N ASP B 48 -15.44 12.73 2.18
CA ASP B 48 -14.09 12.61 2.74
C ASP B 48 -13.44 13.95 2.38
N LEU B 49 -13.25 14.79 3.39
CA LEU B 49 -12.67 16.12 3.18
C LEU B 49 -11.35 16.18 2.41
N GLN B 50 -10.42 15.31 2.75
CA GLN B 50 -9.12 15.30 2.08
C GLN B 50 -9.20 14.86 0.62
N LYS B 51 -9.96 13.79 0.36
CA LYS B 51 -10.10 13.30 -1.00
C LYS B 51 -10.89 14.26 -1.87
N SER B 52 -11.93 14.86 -1.30
CA SER B 52 -12.75 15.80 -2.03
C SER B 52 -11.93 17.03 -2.43
N GLU B 53 -11.08 17.49 -1.53
CA GLU B 53 -10.25 18.66 -1.81
C GLU B 53 -9.22 18.37 -2.91
N ALA B 54 -8.60 17.20 -2.83
CA ALA B 54 -7.61 16.82 -3.84
C ALA B 54 -8.29 16.70 -5.20
N LEU B 56 -11.04 18.27 -6.24
CA LEU B 56 -11.38 19.62 -6.72
C LEU B 56 -10.15 20.43 -7.13
N ARG B 57 -9.06 20.33 -6.39
CA ARG B 57 -7.84 21.06 -6.75
C ARG B 57 -7.27 20.57 -8.07
N LYS B 58 -7.32 19.27 -8.29
CA LYS B 58 -6.83 18.70 -9.54
C LYS B 58 -7.71 19.25 -10.65
N HIS B 59 -8.99 19.43 -10.35
CA HIS B 59 -9.93 19.95 -11.34
C HIS B 59 -9.60 21.40 -11.70
N VAL B 60 -9.25 22.21 -10.70
CA VAL B 60 -8.92 23.61 -10.94
C VAL B 60 -7.71 23.73 -11.87
N GLU B 61 -6.71 22.88 -11.65
CA GLU B 61 -5.52 22.89 -12.49
C GLU B 61 -5.90 22.47 -13.90
N PHE B 62 -6.72 21.42 -13.99
CA PHE B 62 -7.17 20.93 -15.27
C PHE B 62 -7.83 22.06 -16.06
N ARG B 63 -8.70 22.83 -15.40
CA ARG B 63 -9.40 23.93 -16.04
C ARG B 63 -8.39 24.93 -16.61
N LYS B 64 -7.36 25.23 -15.84
CA LYS B 64 -6.33 26.16 -16.27
C LYS B 64 -5.58 25.60 -17.48
N GLN B 65 -5.06 24.39 -17.34
CA GLN B 65 -4.32 23.74 -18.41
C GLN B 65 -5.08 23.64 -19.73
N LYS B 66 -6.39 23.36 -19.66
CA LYS B 66 -7.18 23.22 -20.87
C LYS B 66 -8.03 24.43 -21.22
N ASP B 67 -7.77 25.56 -20.57
CA ASP B 67 -8.52 26.79 -20.82
C ASP B 67 -10.02 26.49 -20.93
N ILE B 68 -10.53 25.76 -19.93
CA ILE B 68 -11.94 25.40 -19.90
C ILE B 68 -12.86 26.63 -19.89
N ASP B 69 -12.42 27.70 -19.24
CA ASP B 69 -13.23 28.91 -19.14
C ASP B 69 -13.69 29.51 -20.46
N ASN B 70 -12.97 29.26 -21.55
CA ASN B 70 -13.35 29.82 -22.85
C ASN B 70 -13.56 28.75 -23.92
N ILE B 71 -13.58 27.49 -23.51
CA ILE B 71 -13.73 26.39 -24.45
C ILE B 71 -15.05 26.38 -25.21
N ILE B 72 -16.10 26.97 -24.64
CA ILE B 72 -17.38 26.97 -25.32
C ILE B 72 -17.34 27.66 -26.69
N SER B 73 -16.54 28.71 -26.83
CA SER B 73 -16.44 29.43 -28.11
C SER B 73 -15.39 28.83 -29.05
N TRP B 74 -14.67 27.81 -28.57
CA TRP B 74 -13.65 27.14 -29.38
C TRP B 74 -14.30 26.32 -30.48
N GLN B 75 -13.88 26.57 -31.72
CA GLN B 75 -14.44 25.84 -32.86
C GLN B 75 -13.64 24.59 -33.23
N PRO B 76 -14.29 23.41 -33.21
CA PRO B 76 -13.57 22.18 -33.56
C PRO B 76 -13.26 22.15 -35.05
N PRO B 77 -12.28 21.34 -35.47
CA PRO B 77 -11.89 21.22 -36.88
C PRO B 77 -13.10 20.83 -37.75
N GLU B 78 -13.09 21.28 -39.00
CA GLU B 78 -14.17 21.00 -39.94
C GLU B 78 -14.59 19.54 -39.95
N VAL B 79 -13.62 18.64 -40.04
CA VAL B 79 -13.92 17.21 -40.09
C VAL B 79 -14.67 16.73 -38.84
N ILE B 80 -14.31 17.27 -37.69
CA ILE B 80 -14.98 16.86 -36.45
C ILE B 80 -16.41 17.40 -36.38
N GLN B 81 -16.61 18.66 -36.74
CA GLN B 81 -17.95 19.23 -36.70
C GLN B 81 -18.87 18.48 -37.64
N GLN B 82 -18.32 17.99 -38.74
CA GLN B 82 -19.10 17.26 -39.73
C GLN B 82 -19.38 15.81 -39.42
N TYR B 83 -18.39 15.09 -38.91
CA TYR B 83 -18.54 13.67 -38.66
C TYR B 83 -18.56 13.09 -37.24
N LEU B 84 -18.32 13.92 -36.22
CA LEU B 84 -18.37 13.39 -34.85
C LEU B 84 -19.85 13.33 -34.44
N SER B 85 -20.41 12.13 -34.38
CA SER B 85 -21.81 11.94 -34.04
C SER B 85 -22.22 12.37 -32.63
N GLY B 86 -23.53 12.43 -32.40
CA GLY B 86 -24.04 12.83 -31.11
C GLY B 86 -24.56 14.25 -31.10
N GLY B 87 -25.21 14.65 -30.00
CA GLY B 87 -25.73 15.99 -29.91
C GLY B 87 -26.74 16.16 -28.79
N CYS B 89 -30.23 17.29 -27.42
CA CYS B 89 -31.57 17.40 -27.98
C CYS B 89 -32.68 17.09 -26.98
N GLY B 90 -33.47 18.12 -26.67
CA GLY B 90 -34.58 17.96 -25.74
C GLY B 90 -34.22 18.01 -24.26
N TYR B 91 -35.25 17.99 -23.42
CA TYR B 91 -35.07 18.03 -21.96
C TYR B 91 -35.97 16.97 -21.35
N ASP B 92 -35.51 16.28 -20.31
CA ASP B 92 -36.34 15.25 -19.69
C ASP B 92 -37.42 15.90 -18.82
N LEU B 93 -38.30 15.08 -18.24
CA LEU B 93 -39.39 15.59 -17.43
C LEU B 93 -38.99 16.51 -16.29
N ASP B 94 -37.77 16.35 -15.80
CA ASP B 94 -37.29 17.20 -14.70
C ASP B 94 -36.62 18.48 -15.21
N GLY B 95 -36.51 18.60 -16.54
CA GLY B 95 -35.88 19.79 -17.11
C GLY B 95 -34.39 19.63 -17.41
N CYS B 96 -33.86 18.44 -17.18
CA CYS B 96 -32.45 18.17 -17.43
C CYS B 96 -32.17 17.98 -18.91
N PRO B 97 -31.07 18.55 -19.41
CA PRO B 97 -30.71 18.41 -20.82
C PRO B 97 -30.51 16.94 -21.18
N VAL B 98 -30.89 16.56 -22.38
CA VAL B 98 -30.71 15.19 -22.85
C VAL B 98 -29.60 15.21 -23.90
N TRP B 99 -28.70 14.24 -23.82
CA TRP B 99 -27.60 14.13 -24.78
C TRP B 99 -27.64 12.77 -25.47
N TYR B 100 -27.50 12.79 -26.79
CA TYR B 100 -27.51 11.56 -27.59
C TYR B 100 -26.12 11.18 -28.09
N ASP B 101 -25.76 9.92 -27.91
CA ASP B 101 -24.50 9.38 -28.42
C ASP B 101 -24.94 8.39 -29.48
N ILE B 102 -24.42 8.52 -30.69
CA ILE B 102 -24.76 7.64 -31.81
C ILE B 102 -23.46 6.93 -32.17
N ILE B 103 -23.29 5.72 -31.66
CA ILE B 103 -22.07 4.94 -31.86
C ILE B 103 -21.90 4.23 -33.20
N GLY B 104 -22.96 3.59 -33.69
CA GLY B 104 -22.88 2.84 -34.93
C GLY B 104 -22.17 3.47 -36.11
N PRO B 105 -22.65 4.62 -36.60
CA PRO B 105 -22.07 5.33 -37.75
C PRO B 105 -20.78 6.09 -37.47
N LEU B 106 -20.30 6.01 -36.24
CA LEU B 106 -19.06 6.69 -35.90
C LEU B 106 -17.90 6.01 -36.63
N ASP B 107 -17.07 6.83 -37.28
CA ASP B 107 -15.90 6.34 -38.03
C ASP B 107 -14.67 6.78 -37.26
N ALA B 108 -14.32 6.00 -36.24
CA ALA B 108 -13.19 6.31 -35.36
C ALA B 108 -11.85 6.46 -36.08
N LYS B 109 -11.57 5.57 -37.02
CA LYS B 109 -10.32 5.64 -37.77
C LYS B 109 -10.26 6.95 -38.55
N GLY B 110 -11.35 7.23 -39.25
CA GLY B 110 -11.42 8.46 -40.04
C GLY B 110 -11.18 9.68 -39.18
N LEU B 111 -11.72 9.68 -37.97
CA LEU B 111 -11.57 10.80 -37.05
C LEU B 111 -10.13 10.93 -36.53
N LEU B 112 -9.54 9.81 -36.13
CA LEU B 112 -8.18 9.85 -35.63
C LEU B 112 -7.15 10.09 -36.75
N PHE B 113 -7.50 9.80 -37.99
CA PHE B 113 -6.56 10.03 -39.09
C PHE B 113 -6.74 11.43 -39.69
N SER B 114 -7.81 12.12 -39.32
CA SER B 114 -8.09 13.45 -39.87
C SER B 114 -7.99 14.59 -38.86
N ALA B 115 -7.71 14.26 -37.61
CA ALA B 115 -7.58 15.30 -36.59
C ALA B 115 -6.72 14.76 -35.46
N SER B 116 -6.12 15.65 -34.68
CA SER B 116 -5.28 15.24 -33.57
C SER B 116 -6.14 14.64 -32.46
N LYS B 117 -5.57 13.71 -31.70
CA LYS B 117 -6.33 13.11 -30.60
C LYS B 117 -6.66 14.21 -29.59
N GLN B 118 -5.85 15.26 -29.59
CA GLN B 118 -6.02 16.40 -28.70
C GLN B 118 -7.29 17.19 -29.05
N ASP B 119 -7.50 17.45 -30.34
CA ASP B 119 -8.70 18.19 -30.75
C ASP B 119 -9.95 17.34 -30.55
N LEU B 120 -9.82 16.02 -30.70
CA LEU B 120 -10.95 15.13 -30.48
C LEU B 120 -11.36 15.20 -29.01
N LEU B 121 -10.38 15.07 -28.12
CA LEU B 121 -10.64 15.12 -26.68
C LEU B 121 -11.18 16.49 -26.28
N ARG B 122 -10.66 17.54 -26.91
CA ARG B 122 -11.10 18.89 -26.59
C ARG B 122 -12.56 19.13 -27.02
N THR B 123 -12.97 18.50 -28.12
CA THR B 123 -14.33 18.64 -28.59
C THR B 123 -15.26 17.99 -27.56
N LYS B 124 -14.85 16.85 -27.02
CA LYS B 124 -15.63 16.14 -26.01
C LYS B 124 -15.70 16.96 -24.72
N ARG B 126 -15.53 20.14 -24.54
CA ARG B 126 -16.41 21.24 -24.87
C ARG B 126 -17.88 20.81 -24.78
N GLU B 127 -18.17 19.59 -25.22
CA GLU B 127 -19.55 19.08 -25.17
C GLU B 127 -19.97 19.07 -23.70
N CYS B 128 -19.09 18.60 -22.83
CA CYS B 128 -19.37 18.56 -21.40
C CYS B 128 -19.66 19.95 -20.87
N GLU B 129 -18.88 20.94 -21.30
CA GLU B 129 -19.09 22.31 -20.86
C GLU B 129 -20.39 22.86 -21.41
N LEU B 130 -20.67 22.53 -22.67
CA LEU B 130 -21.91 22.98 -23.31
C LEU B 130 -23.10 22.40 -22.52
N LEU B 131 -23.00 21.15 -22.07
CA LEU B 131 -24.08 20.53 -21.30
C LEU B 131 -24.23 21.24 -19.94
N LEU B 132 -23.12 21.56 -19.29
CA LEU B 132 -23.16 22.28 -18.01
C LEU B 132 -23.74 23.68 -18.18
N GLN B 133 -23.42 24.33 -19.30
CA GLN B 133 -23.95 25.65 -19.56
C GLN B 133 -25.46 25.51 -19.80
N GLU B 134 -25.85 24.43 -20.47
CA GLU B 134 -27.26 24.21 -20.73
C GLU B 134 -27.99 24.06 -19.38
N CYS B 135 -27.38 23.37 -18.43
CA CYS B 135 -27.99 23.21 -17.10
C CYS B 135 -28.13 24.58 -16.46
N ALA B 136 -27.11 25.42 -16.66
CA ALA B 136 -27.14 26.77 -16.11
C ALA B 136 -28.28 27.55 -16.74
N HIS B 137 -28.46 27.42 -18.05
CA HIS B 137 -29.54 28.11 -18.73
C HIS B 137 -30.88 27.55 -18.25
N GLN B 138 -30.95 26.23 -18.09
CA GLN B 138 -32.19 25.62 -17.62
C GLN B 138 -32.54 26.12 -16.21
N THR B 139 -31.51 26.32 -15.39
CA THR B 139 -31.69 26.78 -14.02
C THR B 139 -32.35 28.17 -14.02
N THR B 140 -31.87 29.04 -14.89
CA THR B 140 -32.41 30.39 -14.98
C THR B 140 -33.81 30.37 -15.58
N LYS B 141 -34.01 29.55 -16.60
CA LYS B 141 -35.30 29.45 -17.26
C LYS B 141 -36.40 28.77 -16.42
N LEU B 142 -36.03 27.76 -15.63
CA LEU B 142 -37.00 27.04 -14.82
C LEU B 142 -37.16 27.58 -13.39
N GLY B 143 -36.27 28.47 -12.98
CA GLY B 143 -36.34 29.04 -11.65
C GLY B 143 -35.91 28.11 -10.53
N ARG B 144 -35.17 27.07 -10.88
CA ARG B 144 -34.71 26.10 -9.88
C ARG B 144 -33.42 25.46 -10.36
N LYS B 145 -32.59 25.03 -9.44
CA LYS B 145 -31.31 24.44 -9.78
C LYS B 145 -31.36 23.15 -10.59
N VAL B 146 -30.73 23.17 -11.76
CA VAL B 146 -30.64 22.00 -12.63
C VAL B 146 -29.14 21.78 -12.82
N GLU B 147 -28.64 20.56 -12.59
CA GLU B 147 -27.21 20.29 -12.72
C GLU B 147 -26.84 18.87 -13.14
N THR B 148 -27.78 18.12 -13.70
CA THR B 148 -27.48 16.77 -14.14
C THR B 148 -27.99 16.57 -15.55
N ILE B 149 -27.58 15.50 -16.19
CA ILE B 149 -27.98 15.24 -17.57
C ILE B 149 -28.40 13.81 -17.81
N THR B 150 -29.28 13.62 -18.79
CA THR B 150 -29.77 12.30 -19.16
C THR B 150 -29.15 11.97 -20.51
N ILE B 151 -28.64 10.76 -20.63
CA ILE B 151 -28.01 10.36 -21.88
C ILE B 151 -28.69 9.15 -22.52
N ILE B 152 -28.91 9.24 -23.82
CA ILE B 152 -29.47 8.16 -24.60
C ILE B 152 -28.29 7.71 -25.46
N TYR B 153 -27.83 6.51 -25.17
CA TYR B 153 -26.67 5.92 -25.81
C TYR B 153 -27.08 4.86 -26.82
N ASP B 154 -27.15 5.27 -28.09
CA ASP B 154 -27.58 4.38 -29.17
C ASP B 154 -26.47 3.46 -29.68
N CYS B 155 -26.55 2.18 -29.31
CA CYS B 155 -25.56 1.19 -29.74
C CYS B 155 -25.93 0.40 -30.99
N GLU B 156 -26.97 0.84 -31.71
CA GLU B 156 -27.34 0.12 -32.93
C GLU B 156 -26.18 0.28 -33.91
N GLY B 157 -25.74 -0.85 -34.47
CA GLY B 157 -24.64 -0.78 -35.41
C GLY B 157 -23.30 -0.97 -34.73
N LEU B 158 -23.29 -1.12 -33.41
CA LEU B 158 -22.05 -1.37 -32.68
C LEU B 158 -21.49 -2.63 -33.31
N GLY B 159 -20.25 -2.56 -33.80
CA GLY B 159 -19.65 -3.72 -34.45
C GLY B 159 -18.19 -3.93 -34.14
N LEU B 160 -17.60 -4.93 -34.78
CA LEU B 160 -16.20 -5.25 -34.55
C LEU B 160 -15.26 -4.08 -34.83
N LYS B 161 -15.65 -3.22 -35.76
CA LYS B 161 -14.82 -2.08 -36.11
C LYS B 161 -14.65 -1.11 -34.95
N HIS B 162 -15.63 -1.07 -34.04
CA HIS B 162 -15.56 -0.17 -32.89
C HIS B 162 -14.59 -0.66 -31.81
N LEU B 163 -14.08 -1.88 -31.98
CA LEU B 163 -13.15 -2.45 -31.02
C LEU B 163 -11.70 -2.07 -31.35
N TRP B 164 -11.52 -1.35 -32.45
CA TRP B 164 -10.19 -0.89 -32.90
C TRP B 164 -9.48 -0.26 -31.69
N LYS B 165 -8.43 -0.94 -31.25
CA LYS B 165 -7.65 -0.55 -30.08
C LYS B 165 -7.41 0.96 -29.85
N PRO B 166 -6.83 1.66 -30.83
CA PRO B 166 -6.58 3.10 -30.65
C PRO B 166 -7.83 3.92 -30.35
N ALA B 167 -8.97 3.54 -30.91
CA ALA B 167 -10.21 4.28 -30.66
C ALA B 167 -10.66 4.05 -29.23
N VAL B 168 -10.60 2.80 -28.78
CA VAL B 168 -11.01 2.45 -27.43
C VAL B 168 -10.15 3.21 -26.40
N GLU B 169 -8.84 3.24 -26.61
CA GLU B 169 -7.95 3.94 -25.68
C GLU B 169 -8.25 5.44 -25.64
N ALA B 170 -8.52 6.02 -26.81
CA ALA B 170 -8.82 7.46 -26.88
C ALA B 170 -10.12 7.71 -26.12
N TYR B 171 -11.07 6.79 -26.26
CA TYR B 171 -12.35 6.91 -25.58
C TYR B 171 -12.12 6.78 -24.07
N GLY B 172 -11.25 5.85 -23.69
CA GLY B 172 -10.93 5.66 -22.29
C GLY B 172 -10.39 6.93 -21.66
N GLU B 173 -9.58 7.66 -22.42
CA GLU B 173 -9.01 8.93 -21.94
C GLU B 173 -10.12 9.94 -21.70
N PHE B 174 -11.10 9.98 -22.58
CA PHE B 174 -12.21 10.90 -22.41
C PHE B 174 -13.00 10.50 -21.15
N LEU B 175 -13.32 9.21 -21.05
CA LEU B 175 -14.09 8.73 -19.89
C LEU B 175 -13.41 9.08 -18.56
N CYS B 176 -12.10 8.86 -18.45
CA CYS B 176 -11.38 9.20 -17.23
C CYS B 176 -11.44 10.71 -16.97
N PHE B 178 -13.88 12.68 -17.91
CA PHE B 178 -15.24 12.94 -17.47
C PHE B 178 -15.41 12.65 -15.98
N GLU B 179 -14.98 11.46 -15.55
CA GLU B 179 -15.11 11.05 -14.15
C GLU B 179 -14.39 11.96 -13.14
N GLU B 180 -13.23 12.48 -13.53
CA GLU B 180 -12.45 13.33 -12.63
C GLU B 180 -12.83 14.80 -12.67
N ASN B 181 -13.53 15.22 -13.72
CA ASN B 181 -13.89 16.62 -13.84
C ASN B 181 -15.37 16.97 -13.82
N TYR B 182 -16.24 16.00 -14.11
CA TYR B 182 -17.68 16.24 -14.11
C TYR B 182 -18.38 15.20 -13.24
N PRO B 183 -17.96 15.11 -11.96
CA PRO B 183 -18.56 14.16 -11.02
C PRO B 183 -19.99 14.52 -10.68
N GLU B 184 -20.80 13.50 -10.40
CA GLU B 184 -22.19 13.74 -10.02
C GLU B 184 -22.96 14.59 -11.02
N THR B 185 -22.61 14.46 -12.29
CA THR B 185 -23.28 15.23 -13.35
C THR B 185 -24.23 14.33 -14.14
N LEU B 186 -23.86 13.05 -14.27
CA LEU B 186 -24.69 12.10 -15.00
C LEU B 186 -25.89 11.70 -14.13
N LYS B 187 -27.09 11.86 -14.68
CA LYS B 187 -28.30 11.51 -13.96
C LYS B 187 -28.68 10.07 -14.30
N ARG B 188 -28.67 9.76 -15.60
CA ARG B 188 -29.05 8.42 -16.06
C ARG B 188 -28.58 8.22 -17.51
N LEU B 189 -28.18 6.99 -17.84
CA LEU B 189 -27.74 6.69 -19.20
C LEU B 189 -28.49 5.47 -19.71
N PHE B 190 -29.27 5.66 -20.76
CA PHE B 190 -30.04 4.56 -21.34
C PHE B 190 -29.31 3.98 -22.55
N VAL B 191 -28.88 2.73 -22.44
CA VAL B 191 -28.24 2.09 -23.59
C VAL B 191 -29.38 1.47 -24.40
N VAL B 192 -29.55 1.91 -25.64
CA VAL B 192 -30.63 1.38 -26.47
C VAL B 192 -30.13 0.67 -27.72
N LYS B 193 -30.86 -0.38 -28.12
CA LYS B 193 -30.54 -1.17 -29.29
C LYS B 193 -29.18 -1.88 -29.24
N ALA B 194 -28.73 -2.24 -28.03
CA ALA B 194 -27.45 -2.91 -27.90
C ALA B 194 -27.45 -4.28 -28.59
N PRO B 195 -26.45 -4.54 -29.45
CA PRO B 195 -26.32 -5.80 -30.19
C PRO B 195 -25.64 -6.86 -29.32
N LYS B 196 -25.49 -8.06 -29.85
CA LYS B 196 -24.87 -9.15 -29.10
C LYS B 196 -23.40 -8.87 -28.76
N LEU B 197 -22.78 -7.92 -29.45
CA LEU B 197 -21.39 -7.58 -29.20
C LEU B 197 -21.23 -6.67 -27.97
N PHE B 198 -22.34 -6.10 -27.50
CA PHE B 198 -22.30 -5.18 -26.38
C PHE B 198 -21.45 -5.61 -25.17
N PRO B 199 -21.65 -6.84 -24.67
CA PRO B 199 -20.88 -7.33 -23.51
C PRO B 199 -19.36 -7.23 -23.68
N VAL B 200 -18.87 -7.61 -24.87
CA VAL B 200 -17.44 -7.55 -25.17
C VAL B 200 -16.97 -6.10 -25.21
N ALA B 201 -17.75 -5.26 -25.87
CA ALA B 201 -17.44 -3.84 -26.00
C ALA B 201 -17.47 -3.14 -24.65
N TYR B 202 -18.52 -3.40 -23.86
CA TYR B 202 -18.63 -2.76 -22.56
C TYR B 202 -17.47 -3.15 -21.68
N ASN B 203 -17.07 -4.41 -21.74
CA ASN B 203 -15.97 -4.90 -20.91
C ASN B 203 -14.66 -4.13 -21.17
N LEU B 204 -14.53 -3.58 -22.39
CA LEU B 204 -13.33 -2.83 -22.74
C LEU B 204 -13.29 -1.44 -22.09
N ILE B 205 -14.46 -0.85 -21.80
CA ILE B 205 -14.47 0.48 -21.21
C ILE B 205 -14.89 0.52 -19.74
N LYS B 206 -15.44 -0.59 -19.24
CA LYS B 206 -15.88 -0.67 -17.85
C LYS B 206 -14.83 -0.18 -16.85
N PRO B 207 -13.56 -0.57 -17.03
CA PRO B 207 -12.48 -0.15 -16.12
C PRO B 207 -12.37 1.37 -15.92
N PHE B 208 -12.75 2.13 -16.93
CA PHE B 208 -12.67 3.59 -16.86
C PHE B 208 -13.82 4.26 -16.12
N LEU B 209 -14.90 3.52 -15.89
CA LEU B 209 -16.07 4.08 -15.23
C LEU B 209 -16.07 3.93 -13.72
N SER B 210 -16.59 4.96 -13.04
CA SER B 210 -16.69 4.95 -11.59
C SER B 210 -17.90 4.11 -11.22
N GLU B 211 -17.98 3.67 -9.97
CA GLU B 211 -19.12 2.89 -9.54
C GLU B 211 -20.39 3.72 -9.65
N ASP B 212 -20.27 5.01 -9.34
CA ASP B 212 -21.42 5.91 -9.42
C ASP B 212 -21.99 5.91 -10.84
N THR B 213 -21.12 6.03 -11.84
CA THR B 213 -21.53 6.05 -13.24
C THR B 213 -22.11 4.71 -13.64
N ARG B 214 -21.45 3.62 -13.26
CA ARG B 214 -21.93 2.28 -13.60
C ARG B 214 -23.35 2.03 -13.10
N LYS B 215 -23.66 2.56 -11.93
CA LYS B 215 -24.99 2.38 -11.36
C LYS B 215 -26.07 3.16 -12.11
N LYS B 216 -25.66 4.20 -12.83
CA LYS B 216 -26.63 5.01 -13.57
C LYS B 216 -26.85 4.52 -14.99
N ILE B 217 -26.14 3.48 -15.38
CA ILE B 217 -26.26 2.90 -16.71
C ILE B 217 -27.37 1.85 -16.74
N VAL B 219 -29.17 -0.79 -19.32
CA VAL B 219 -29.18 -1.40 -20.64
C VAL B 219 -30.63 -1.83 -20.91
N LEU B 220 -31.29 -1.09 -21.78
CA LEU B 220 -32.69 -1.38 -22.11
C LEU B 220 -32.86 -2.56 -23.06
N GLY B 221 -34.08 -3.10 -23.09
CA GLY B 221 -34.39 -4.21 -23.96
C GLY B 221 -35.22 -3.79 -25.16
N ALA B 222 -35.99 -4.72 -25.71
CA ALA B 222 -36.83 -4.44 -26.88
C ALA B 222 -37.87 -3.35 -26.67
N ASN B 223 -38.25 -3.09 -25.42
CA ASN B 223 -39.24 -2.05 -25.14
C ASN B 223 -38.60 -0.70 -24.84
N TRP B 224 -37.34 -0.50 -25.23
CA TRP B 224 -36.66 0.77 -24.92
C TRP B 224 -37.43 2.06 -25.21
N LYS B 225 -38.18 2.11 -26.31
CA LYS B 225 -38.93 3.33 -26.63
C LYS B 225 -39.91 3.71 -25.52
N GLU B 226 -40.66 2.73 -25.02
CA GLU B 226 -41.62 2.98 -23.95
C GLU B 226 -40.90 3.49 -22.70
N VAL B 227 -39.75 2.90 -22.40
CA VAL B 227 -38.98 3.31 -21.25
C VAL B 227 -38.56 4.78 -21.32
N LEU B 228 -38.06 5.20 -22.48
CA LEU B 228 -37.64 6.59 -22.64
C LEU B 228 -38.79 7.57 -22.41
N LEU B 229 -39.96 7.23 -22.95
CA LEU B 229 -41.14 8.08 -22.82
C LEU B 229 -41.68 8.14 -21.39
N LYS B 230 -41.08 7.39 -20.49
CA LYS B 230 -41.50 7.42 -19.10
C LYS B 230 -40.66 8.48 -18.40
N HIS B 231 -39.57 8.90 -19.05
CA HIS B 231 -38.65 9.89 -18.48
C HIS B 231 -38.53 11.18 -19.25
N ILE B 232 -38.96 11.15 -20.51
CA ILE B 232 -38.87 12.33 -21.36
C ILE B 232 -40.16 12.46 -22.17
N SER B 233 -40.72 13.66 -22.16
CA SER B 233 -41.95 13.93 -22.89
C SER B 233 -41.77 13.60 -24.37
N PRO B 234 -42.85 13.15 -25.04
CA PRO B 234 -42.81 12.81 -26.47
C PRO B 234 -42.28 13.95 -27.34
N ASP B 235 -42.78 15.15 -27.10
CA ASP B 235 -42.38 16.31 -27.89
C ASP B 235 -40.92 16.71 -27.68
N GLN B 236 -40.23 16.01 -26.79
CA GLN B 236 -38.83 16.30 -26.51
C GLN B 236 -37.93 15.20 -27.07
N VAL B 237 -38.53 14.19 -27.68
CA VAL B 237 -37.79 13.08 -28.25
C VAL B 237 -38.00 12.94 -29.77
N PRO B 238 -36.90 12.81 -30.53
CA PRO B 238 -37.03 12.68 -31.99
C PRO B 238 -37.92 11.50 -32.37
N VAL B 239 -38.61 11.63 -33.50
CA VAL B 239 -39.46 10.57 -34.00
C VAL B 239 -38.61 9.30 -34.08
N GLU B 240 -37.36 9.48 -34.51
CA GLU B 240 -36.41 8.38 -34.64
C GLU B 240 -36.29 7.55 -33.35
N TYR B 241 -36.41 8.20 -32.20
CA TYR B 241 -36.29 7.48 -30.93
C TYR B 241 -37.62 7.27 -30.18
N GLY B 242 -38.73 7.32 -30.90
CA GLY B 242 -40.03 7.07 -30.30
C GLY B 242 -40.88 8.27 -29.93
N GLY B 243 -40.36 9.48 -30.15
CA GLY B 243 -41.11 10.68 -29.82
C GLY B 243 -41.83 11.29 -31.01
N THR B 244 -42.10 12.59 -30.92
CA THR B 244 -42.79 13.27 -32.00
C THR B 244 -42.01 14.48 -32.50
N THR B 246 -39.22 16.63 -34.50
CA THR B 246 -38.62 16.55 -35.84
C THR B 246 -37.94 17.88 -36.14
N ASP B 247 -37.20 17.93 -37.23
CA ASP B 247 -36.54 19.16 -37.64
C ASP B 247 -37.62 20.05 -38.24
N PRO B 248 -37.34 21.34 -38.45
CA PRO B 248 -38.34 22.23 -39.03
C PRO B 248 -38.85 21.71 -40.38
N ASP B 249 -37.99 21.01 -41.11
CA ASP B 249 -38.35 20.47 -42.41
C ASP B 249 -39.04 19.11 -42.28
N GLY B 250 -39.22 18.66 -41.05
CA GLY B 250 -39.89 17.39 -40.80
C GLY B 250 -39.02 16.15 -40.72
N ASN B 251 -37.70 16.31 -40.67
CA ASN B 251 -36.84 15.14 -40.58
C ASN B 251 -37.04 14.49 -39.21
N PRO B 252 -37.37 13.19 -39.19
CA PRO B 252 -37.60 12.40 -37.97
C PRO B 252 -36.37 12.21 -37.08
N LYS B 253 -35.19 12.37 -37.65
CA LYS B 253 -33.96 12.18 -36.89
C LYS B 253 -33.47 13.42 -36.19
N CYS B 254 -34.11 14.56 -36.44
CA CYS B 254 -33.70 15.81 -35.81
C CYS B 254 -32.23 16.11 -36.04
N LYS B 255 -31.78 15.96 -37.29
CA LYS B 255 -30.39 16.20 -37.66
C LYS B 255 -29.91 17.62 -37.36
N SER B 256 -30.84 18.54 -37.13
CA SER B 256 -30.44 19.91 -36.83
C SER B 256 -29.83 20.00 -35.43
N LYS B 257 -30.00 18.93 -34.65
CA LYS B 257 -29.47 18.90 -33.29
C LYS B 257 -28.55 17.70 -33.07
N ILE B 258 -28.85 16.60 -33.74
CA ILE B 258 -28.08 15.37 -33.59
C ILE B 258 -27.28 15.03 -34.85
N ASN B 259 -25.97 14.87 -34.70
CA ASN B 259 -25.09 14.51 -35.80
C ASN B 259 -25.04 12.99 -35.87
N TYR B 260 -25.23 12.42 -37.07
CA TYR B 260 -25.21 10.97 -37.20
C TYR B 260 -23.94 10.38 -37.81
N GLY B 261 -22.83 11.11 -37.70
CA GLY B 261 -21.56 10.62 -38.19
C GLY B 261 -21.48 10.25 -39.66
N GLY B 262 -20.92 9.09 -39.93
CA GLY B 262 -20.75 8.64 -41.31
C GLY B 262 -19.29 8.46 -41.63
N ASP B 263 -18.97 7.72 -42.68
CA ASP B 263 -17.57 7.52 -43.03
C ASP B 263 -16.97 8.82 -43.52
N ILE B 264 -15.76 9.09 -43.04
CA ILE B 264 -15.04 10.31 -43.39
C ILE B 264 -14.25 10.16 -44.69
N PRO B 265 -14.48 11.04 -45.68
CA PRO B 265 -13.78 11.00 -46.97
C PRO B 265 -12.27 11.04 -46.73
N ARG B 266 -11.53 10.17 -47.41
CA ARG B 266 -10.08 10.10 -47.25
C ARG B 266 -9.37 11.42 -47.46
N LYS B 267 -10.01 12.35 -48.16
CA LYS B 267 -9.39 13.65 -48.40
C LYS B 267 -9.15 14.44 -47.12
N TYR B 268 -9.86 14.09 -46.05
CA TYR B 268 -9.69 14.81 -44.79
C TYR B 268 -8.50 14.29 -43.99
N TYR B 269 -7.99 13.12 -44.37
CA TYR B 269 -6.86 12.51 -43.66
C TYR B 269 -5.57 13.33 -43.68
N VAL B 270 -4.92 13.43 -42.54
CA VAL B 270 -3.65 14.13 -42.44
C VAL B 270 -2.60 13.09 -42.10
N ARG B 271 -3.04 11.83 -41.99
CA ARG B 271 -2.17 10.71 -41.68
C ARG B 271 -2.92 9.43 -42.02
N ASP B 272 -2.22 8.30 -42.08
CA ASP B 272 -2.88 7.03 -42.40
C ASP B 272 -2.75 6.02 -41.28
N GLN B 273 -2.28 6.48 -40.13
CA GLN B 273 -2.08 5.60 -38.99
C GLN B 273 -1.73 6.45 -37.80
N VAL B 274 -1.88 5.89 -36.60
CA VAL B 274 -1.51 6.60 -35.38
C VAL B 274 -0.35 5.81 -34.77
N LYS B 275 0.34 6.39 -33.80
CA LYS B 275 1.45 5.68 -33.16
C LYS B 275 0.89 4.48 -32.39
N GLN B 276 1.58 3.35 -32.48
CA GLN B 276 1.14 2.13 -31.82
C GLN B 276 2.30 1.40 -31.15
N GLN B 277 1.96 0.58 -30.15
CA GLN B 277 2.92 -0.24 -29.41
C GLN B 277 2.52 -1.69 -29.60
N TYR B 278 3.47 -2.60 -29.52
CA TYR B 278 3.17 -4.02 -29.70
C TYR B 278 3.70 -4.87 -28.55
N GLU B 279 2.96 -5.93 -28.22
CA GLU B 279 3.32 -6.83 -27.14
C GLU B 279 4.43 -7.79 -27.52
N HIS B 280 4.57 -8.06 -28.81
CA HIS B 280 5.58 -9.00 -29.27
C HIS B 280 6.34 -8.46 -30.48
N SER B 281 7.62 -8.82 -30.55
CA SER B 281 8.48 -8.43 -31.66
C SER B 281 9.28 -9.69 -31.99
N VAL B 282 8.97 -10.32 -33.11
CA VAL B 282 9.67 -11.52 -33.49
C VAL B 282 10.42 -11.37 -34.81
N GLN B 283 11.60 -11.97 -34.86
CA GLN B 283 12.43 -11.93 -36.06
C GLN B 283 12.00 -13.10 -36.92
N ILE B 284 11.80 -12.86 -38.21
CA ILE B 284 11.41 -13.91 -39.13
C ILE B 284 12.41 -13.91 -40.27
N SER B 285 13.05 -15.06 -40.48
CA SER B 285 14.06 -15.20 -41.52
C SER B 285 13.45 -15.17 -42.91
N ARG B 286 14.27 -14.85 -43.89
CA ARG B 286 13.81 -14.82 -45.27
C ARG B 286 13.15 -16.16 -45.59
N GLY B 287 11.96 -16.11 -46.19
CA GLY B 287 11.24 -17.32 -46.56
C GLY B 287 10.59 -18.12 -45.43
N SER B 288 10.80 -17.70 -44.18
CA SER B 288 10.23 -18.43 -43.04
C SER B 288 8.88 -17.92 -42.56
N SER B 289 8.32 -18.61 -41.57
CA SER B 289 7.02 -18.25 -40.99
C SER B 289 7.08 -18.28 -39.47
N HIS B 290 6.15 -17.58 -38.85
CA HIS B 290 6.04 -17.55 -37.39
C HIS B 290 4.59 -17.77 -37.03
N GLN B 291 4.31 -18.74 -36.16
CA GLN B 291 2.94 -19.03 -35.75
C GLN B 291 2.74 -18.71 -34.28
N VAL B 292 1.56 -18.16 -33.97
CA VAL B 292 1.19 -17.85 -32.59
C VAL B 292 -0.13 -18.59 -32.36
N GLU B 293 -0.25 -19.23 -31.20
CA GLU B 293 -1.45 -19.99 -30.89
C GLU B 293 -2.20 -19.45 -29.68
N TYR B 294 -3.52 -19.55 -29.73
CA TYR B 294 -4.40 -19.15 -28.65
C TYR B 294 -5.49 -20.21 -28.51
N GLU B 295 -5.68 -20.73 -27.30
CA GLU B 295 -6.74 -21.71 -27.08
C GLU B 295 -7.97 -20.94 -26.62
N ILE B 296 -9.06 -21.11 -27.36
CA ILE B 296 -10.30 -20.41 -27.07
C ILE B 296 -11.41 -21.44 -26.85
N LEU B 297 -11.69 -21.72 -25.58
CA LEU B 297 -12.69 -22.73 -25.22
C LEU B 297 -14.09 -22.19 -25.00
N PHE B 298 -14.20 -20.96 -24.50
CA PHE B 298 -15.49 -20.37 -24.21
C PHE B 298 -16.04 -19.54 -25.38
N PRO B 299 -17.37 -19.54 -25.56
CA PRO B 299 -18.07 -18.80 -26.62
C PRO B 299 -18.20 -17.31 -26.38
N GLY B 300 -18.47 -16.57 -27.45
CA GLY B 300 -18.64 -15.14 -27.37
C GLY B 300 -17.35 -14.33 -27.25
N CYS B 301 -16.21 -14.97 -27.49
CA CYS B 301 -14.95 -14.25 -27.40
C CYS B 301 -14.58 -13.67 -28.76
N VAL B 302 -13.83 -12.58 -28.75
CA VAL B 302 -13.39 -11.93 -29.98
C VAL B 302 -11.87 -11.84 -29.99
N LEU B 303 -11.28 -12.28 -31.09
CA LEU B 303 -9.84 -12.24 -31.24
C LEU B 303 -9.54 -10.90 -31.94
N ARG B 304 -8.69 -10.09 -31.33
CA ARG B 304 -8.34 -8.78 -31.90
C ARG B 304 -6.84 -8.72 -32.10
N TRP B 305 -6.39 -8.20 -33.24
CA TRP B 305 -4.96 -8.11 -33.50
C TRP B 305 -4.52 -6.85 -34.21
N GLN B 306 -3.22 -6.59 -34.14
CA GLN B 306 -2.61 -5.46 -34.83
C GLN B 306 -1.17 -5.89 -35.04
N PHE B 307 -0.64 -5.57 -36.21
CA PHE B 307 0.74 -5.93 -36.49
C PHE B 307 1.33 -5.03 -37.55
N SER B 309 5.11 -4.82 -40.05
CA SER B 309 6.28 -5.59 -40.45
C SER B 309 7.38 -4.61 -40.83
N ASP B 310 8.62 -5.05 -40.77
CA ASP B 310 9.75 -4.19 -41.09
C ASP B 310 10.56 -4.70 -42.27
N GLY B 311 10.49 -3.96 -43.37
CA GLY B 311 11.25 -4.36 -44.56
C GLY B 311 10.37 -4.71 -45.74
N ALA B 312 9.18 -5.24 -45.47
CA ALA B 312 8.30 -5.62 -46.57
C ALA B 312 6.94 -6.09 -46.09
N ASP B 313 6.09 -6.45 -47.05
CA ASP B 313 4.76 -6.95 -46.74
C ASP B 313 4.97 -8.36 -46.20
N VAL B 314 3.95 -8.90 -45.54
CA VAL B 314 4.03 -10.27 -45.01
C VAL B 314 2.69 -10.94 -45.24
N GLY B 315 2.72 -12.26 -45.35
CA GLY B 315 1.49 -13.00 -45.52
C GLY B 315 0.93 -13.20 -44.14
N PHE B 316 -0.39 -13.17 -44.01
CA PHE B 316 -1.04 -13.36 -42.71
C PHE B 316 -2.31 -14.17 -42.92
N GLY B 317 -2.51 -15.15 -42.04
CA GLY B 317 -3.68 -15.99 -42.09
C GLY B 317 -4.01 -16.53 -40.70
N ILE B 318 -5.23 -17.03 -40.53
CA ILE B 318 -5.63 -17.58 -39.23
C ILE B 318 -6.23 -18.94 -39.51
N PHE B 319 -5.83 -19.93 -38.70
CA PHE B 319 -6.33 -21.28 -38.87
C PHE B 319 -6.93 -21.76 -37.56
N LEU B 320 -7.63 -22.89 -37.62
CA LEU B 320 -8.25 -23.49 -36.43
C LEU B 320 -7.74 -24.92 -36.37
N LYS B 321 -7.08 -25.28 -35.28
CA LYS B 321 -6.55 -26.63 -35.13
C LYS B 321 -7.64 -27.68 -35.30
N THR B 322 -7.32 -28.75 -36.02
CA THR B 322 -8.27 -29.82 -36.27
C THR B 322 -7.99 -31.01 -35.36
N GLU B 332 -4.13 -31.17 -40.48
CA GLU B 332 -3.83 -30.73 -39.09
C GLU B 332 -4.46 -29.38 -38.77
N THR B 334 -7.38 -26.05 -40.37
CA THR B 334 -8.39 -25.62 -41.33
C THR B 334 -8.36 -24.10 -41.40
N GLU B 335 -8.59 -23.53 -42.59
CA GLU B 335 -8.56 -22.08 -42.74
C GLU B 335 -9.74 -21.37 -42.12
N VAL B 336 -9.47 -20.24 -41.46
CA VAL B 336 -10.52 -19.43 -40.87
C VAL B 336 -10.49 -18.13 -41.67
N LEU B 337 -9.34 -17.45 -41.62
CA LEU B 337 -9.13 -16.22 -42.38
C LEU B 337 -8.09 -16.61 -43.41
N PRO B 338 -8.52 -16.84 -44.66
CA PRO B 338 -7.60 -17.23 -45.74
C PRO B 338 -6.39 -16.30 -45.84
N ASN B 339 -5.24 -16.88 -46.13
CA ASN B 339 -4.00 -16.09 -46.24
C ASN B 339 -4.05 -15.03 -47.33
N GLN B 340 -3.35 -13.94 -47.09
CA GLN B 340 -3.25 -12.84 -48.04
C GLN B 340 -2.03 -12.04 -47.63
N ARG B 341 -1.43 -11.33 -48.58
CA ARG B 341 -0.27 -10.50 -48.26
C ARG B 341 -0.85 -9.17 -47.78
N TYR B 342 -0.14 -8.51 -46.87
CA TYR B 342 -0.55 -7.21 -46.34
C TYR B 342 0.64 -6.27 -46.35
N ASN B 343 0.40 -5.01 -46.71
CA ASN B 343 1.49 -4.04 -46.72
C ASN B 343 1.67 -3.45 -45.33
N SER B 344 1.84 -4.35 -44.36
CA SER B 344 2.00 -3.97 -42.96
C SER B 344 3.29 -3.19 -42.70
N HIS B 345 4.10 -3.00 -43.74
CA HIS B 345 5.35 -2.24 -43.62
C HIS B 345 5.10 -0.79 -44.00
N LEU B 346 3.95 -0.53 -44.61
CA LEU B 346 3.56 0.81 -45.03
C LEU B 346 2.52 1.33 -44.05
N VAL B 347 1.51 0.52 -43.80
CA VAL B 347 0.42 0.88 -42.89
C VAL B 347 0.15 -0.32 -41.98
N PRO B 348 0.19 -0.13 -40.65
CA PRO B 348 -0.06 -1.24 -39.72
C PRO B 348 -1.39 -1.93 -40.01
N GLU B 349 -1.43 -3.23 -39.80
CA GLU B 349 -2.64 -4.00 -40.06
C GLU B 349 -3.35 -4.29 -38.73
N ASP B 350 -4.68 -4.27 -38.74
CA ASP B 350 -5.43 -4.58 -37.53
C ASP B 350 -6.66 -5.37 -37.96
N GLY B 351 -7.17 -6.18 -37.06
CA GLY B 351 -8.36 -6.95 -37.40
C GLY B 351 -9.05 -7.55 -36.21
N THR B 352 -10.21 -8.15 -36.46
CA THR B 352 -10.97 -8.79 -35.41
C THR B 352 -11.68 -9.99 -35.98
N LEU B 353 -11.90 -10.98 -35.12
CA LEU B 353 -12.56 -12.20 -35.53
C LEU B 353 -13.45 -12.74 -34.42
N THR B 354 -14.71 -13.01 -34.73
CA THR B 354 -15.61 -13.59 -33.75
C THR B 354 -15.29 -15.07 -33.68
N CYS B 355 -14.95 -15.56 -32.48
CA CYS B 355 -14.58 -16.96 -32.32
C CYS B 355 -15.78 -17.85 -32.02
N SER B 356 -16.56 -18.16 -33.06
CA SER B 356 -17.75 -18.98 -32.88
C SER B 356 -17.45 -20.43 -32.52
N ASP B 357 -16.41 -21.01 -33.13
CA ASP B 357 -16.06 -22.39 -32.83
C ASP B 357 -14.92 -22.47 -31.83
N PRO B 358 -15.07 -23.31 -30.79
CA PRO B 358 -14.03 -23.47 -29.77
C PRO B 358 -12.84 -24.25 -30.33
N GLY B 359 -11.65 -23.99 -29.79
CA GLY B 359 -10.49 -24.71 -30.27
C GLY B 359 -9.23 -23.86 -30.19
N ILE B 360 -8.19 -24.36 -30.86
CA ILE B 360 -6.91 -23.67 -30.88
C ILE B 360 -6.77 -22.86 -32.16
N TYR B 361 -6.79 -21.55 -32.03
CA TYR B 361 -6.66 -20.65 -33.17
C TYR B 361 -5.19 -20.37 -33.40
N VAL B 362 -4.79 -20.45 -34.67
CA VAL B 362 -3.40 -20.23 -35.05
C VAL B 362 -3.28 -19.07 -36.04
N LEU B 363 -2.47 -18.07 -35.66
CA LEU B 363 -2.23 -16.92 -36.52
C LEU B 363 -0.82 -17.13 -37.06
N ARG B 364 -0.69 -17.01 -38.37
CA ARG B 364 0.61 -17.22 -39.02
C ARG B 364 1.07 -16.05 -39.90
N PHE B 365 2.34 -15.68 -39.75
CA PHE B 365 2.96 -14.62 -40.53
C PHE B 365 3.95 -15.31 -41.47
N ASP B 366 3.81 -15.08 -42.78
CA ASP B 366 4.67 -15.69 -43.79
C ASP B 366 5.59 -14.74 -44.51
N ASN B 367 6.88 -15.09 -44.57
CA ASN B 367 7.87 -14.27 -45.23
C ASN B 367 8.19 -14.85 -46.61
N THR B 368 8.44 -13.97 -47.58
CA THR B 368 8.79 -14.41 -48.93
C THR B 368 10.29 -14.69 -48.99
N TYR B 369 10.72 -15.61 -49.85
CA TYR B 369 12.15 -15.89 -49.97
C TYR B 369 12.85 -14.78 -50.75
N SER B 370 12.05 -13.88 -51.31
CA SER B 370 12.57 -12.76 -52.07
C SER B 370 13.63 -11.92 -51.34
N PHE B 371 14.47 -11.26 -52.12
CA PHE B 371 15.54 -10.40 -51.61
C PHE B 371 14.93 -9.32 -50.72
N ILE B 372 13.69 -8.95 -51.02
CA ILE B 372 12.96 -7.95 -50.26
C ILE B 372 12.02 -8.69 -49.31
N HIS B 373 12.38 -8.72 -48.03
CA HIS B 373 11.54 -9.42 -47.04
C HIS B 373 11.48 -8.68 -45.72
N ALA B 374 10.55 -9.11 -44.86
CA ALA B 374 10.37 -8.53 -43.55
C ALA B 374 11.28 -9.29 -42.60
N LYS B 375 12.21 -8.59 -41.96
CA LYS B 375 13.10 -9.26 -41.05
C LYS B 375 12.48 -9.36 -39.65
N LYS B 376 11.44 -8.58 -39.44
CA LYS B 376 10.78 -8.56 -38.15
C LYS B 376 9.30 -8.21 -38.27
N VAL B 377 8.49 -8.81 -37.41
CA VAL B 377 7.06 -8.54 -37.35
C VAL B 377 6.72 -8.23 -35.89
N ASN B 378 6.07 -7.10 -35.65
CA ASN B 378 5.68 -6.73 -34.29
C ASN B 378 4.18 -6.89 -34.23
N PHE B 379 3.67 -7.49 -33.16
CA PHE B 379 2.23 -7.71 -33.06
C PHE B 379 1.65 -7.77 -31.66
N THR B 380 0.33 -7.62 -31.62
CA THR B 380 -0.44 -7.70 -30.40
C THR B 380 -1.69 -8.49 -30.77
N VAL B 381 -1.96 -9.55 -30.02
CA VAL B 381 -3.14 -10.38 -30.24
C VAL B 381 -3.80 -10.61 -28.90
N GLU B 382 -5.09 -10.24 -28.79
CA GLU B 382 -5.79 -10.43 -27.53
C GLU B 382 -7.11 -11.16 -27.74
N VAL B 383 -7.49 -11.97 -26.76
CA VAL B 383 -8.76 -12.67 -26.81
C VAL B 383 -9.66 -11.83 -25.89
N LEU B 384 -10.59 -11.10 -26.50
CA LEU B 384 -11.49 -10.24 -25.75
C LEU B 384 -12.69 -11.02 -25.20
N LEU B 385 -12.91 -10.91 -23.89
CA LEU B 385 -14.02 -11.62 -23.24
C LEU B 385 -15.20 -10.70 -22.95
N PRO B 386 -16.41 -11.26 -22.96
CA PRO B 386 -17.59 -10.45 -22.68
C PRO B 386 -17.72 -10.18 -21.19
N ASP B 387 -18.30 -9.05 -20.84
CA ASP B 387 -18.52 -8.72 -19.43
C ASP B 387 -19.62 -9.65 -18.94
N LYS B 388 -19.32 -10.46 -17.93
CA LYS B 388 -20.29 -11.43 -17.42
C LYS B 388 -21.65 -10.85 -17.05
N ALA B 389 -21.66 -9.83 -16.19
CA ALA B 389 -22.92 -9.21 -15.79
C ALA B 389 -23.73 -8.77 -17.01
N SER B 390 -23.09 -8.06 -17.92
CA SER B 390 -23.76 -7.58 -19.14
C SER B 390 -24.29 -8.76 -19.97
N GLU B 391 -23.45 -9.77 -20.14
CA GLU B 391 -23.82 -10.94 -20.91
C GLU B 391 -25.01 -11.67 -20.31
N GLU B 392 -25.14 -11.58 -18.99
CA GLU B 392 -26.25 -12.23 -18.30
C GLU B 392 -27.55 -11.62 -18.78
N LYS B 393 -27.70 -10.31 -18.57
CA LYS B 393 -28.90 -9.60 -18.97
C LYS B 393 -29.22 -9.84 -20.45
N LYS B 395 -28.56 -12.52 -22.45
CA LYS B 395 -29.16 -13.83 -22.68
C LYS B 395 -30.51 -13.97 -21.98
N GLN B 396 -31.26 -14.91 -22.34
N SER C 2 17.85 -12.31 14.20
CA SER C 2 17.42 -11.18 15.00
C SER C 2 18.32 -10.68 16.13
N GLY C 3 19.27 -11.50 16.58
CA GLY C 3 20.15 -11.05 17.66
C GLY C 3 19.43 -10.95 18.99
N ARG C 4 18.42 -11.78 19.19
CA ARG C 4 17.63 -11.80 20.43
C ARG C 4 17.74 -13.17 21.08
N VAL C 5 17.58 -13.23 22.40
CA VAL C 5 17.62 -14.50 23.11
C VAL C 5 16.63 -15.42 22.41
N GLY C 6 17.07 -16.62 22.07
CA GLY C 6 16.19 -17.55 21.38
C GLY C 6 16.37 -17.52 19.87
N ASP C 7 17.14 -16.56 19.37
CA ASP C 7 17.38 -16.44 17.93
C ASP C 7 18.71 -15.75 17.63
N LEU C 8 19.81 -16.32 18.12
CA LEU C 8 21.13 -15.76 17.90
C LEU C 8 21.92 -16.56 16.87
N SER C 9 22.61 -15.86 15.98
CA SER C 9 23.43 -16.54 14.97
C SER C 9 24.69 -17.00 15.70
N PRO C 10 25.48 -17.90 15.09
CA PRO C 10 26.68 -18.34 15.81
C PRO C 10 27.62 -17.16 16.07
N ARG C 11 27.68 -16.23 15.11
CA ARG C 11 28.53 -15.05 15.26
C ARG C 11 28.04 -14.13 16.38
N GLN C 12 26.73 -14.02 16.54
CA GLN C 12 26.17 -13.17 17.59
C GLN C 12 26.39 -13.80 18.96
N LYS C 13 26.41 -15.12 19.01
CA LYS C 13 26.64 -15.81 20.27
C LYS C 13 28.08 -15.53 20.70
N GLU C 14 29.00 -15.53 19.73
CA GLU C 14 30.40 -15.26 20.01
C GLU C 14 30.52 -13.83 20.51
N ALA C 15 29.94 -12.90 19.77
CA ALA C 15 29.99 -11.49 20.13
C ALA C 15 29.45 -11.28 21.54
N LEU C 16 28.38 -11.98 21.88
CA LEU C 16 27.77 -11.87 23.21
C LEU C 16 28.73 -12.29 24.33
N ALA C 17 29.33 -13.47 24.16
CA ALA C 17 30.25 -13.99 25.17
C ALA C 17 31.46 -13.07 25.31
N LYS C 18 31.99 -12.63 24.18
CA LYS C 18 33.15 -11.74 24.17
C LYS C 18 32.79 -10.38 24.76
N PHE C 19 31.64 -9.85 24.37
CA PHE C 19 31.19 -8.55 24.87
C PHE C 19 31.13 -8.59 26.39
N ARG C 20 30.58 -9.67 26.96
CA ARG C 20 30.49 -9.79 28.41
C ARG C 20 31.87 -9.80 29.08
N GLU C 21 32.86 -10.43 28.45
CA GLU C 21 34.21 -10.45 29.01
C GLU C 21 34.80 -9.04 28.98
N ASN C 22 34.62 -8.36 27.85
CA ASN C 22 35.15 -7.02 27.66
C ASN C 22 34.63 -5.98 28.66
N VAL C 23 33.41 -6.17 29.16
CA VAL C 23 32.82 -5.21 30.10
C VAL C 23 32.62 -5.75 31.52
N GLN C 24 33.17 -6.91 31.80
CA GLN C 24 33.03 -7.54 33.10
C GLN C 24 33.29 -6.58 34.26
N ASP C 25 34.32 -5.76 34.12
CA ASP C 25 34.73 -4.80 35.13
C ASP C 25 33.67 -3.76 35.51
N VAL C 26 32.58 -3.70 34.74
CA VAL C 26 31.56 -2.71 35.03
C VAL C 26 30.20 -3.32 35.32
N LEU C 27 30.08 -4.64 35.13
CA LEU C 27 28.83 -5.34 35.38
C LEU C 27 28.32 -5.28 36.82
N PRO C 28 29.23 -5.32 37.81
CA PRO C 28 28.77 -5.27 39.20
C PRO C 28 27.97 -4.01 39.53
N ALA C 29 28.32 -2.90 38.89
CA ALA C 29 27.64 -1.63 39.11
C ALA C 29 26.33 -1.54 38.37
N LEU C 30 26.03 -2.56 37.56
CA LEU C 30 24.78 -2.59 36.80
C LEU C 30 23.74 -3.51 37.40
N PRO C 31 22.46 -3.14 37.27
CA PRO C 31 21.35 -3.92 37.80
C PRO C 31 20.92 -5.01 36.81
N ASN C 32 21.12 -6.26 37.21
CA ASN C 32 20.78 -7.42 36.39
C ASN C 32 21.30 -7.42 34.96
N PRO C 33 22.62 -7.50 34.80
CA PRO C 33 23.21 -7.51 33.46
C PRO C 33 23.15 -8.91 32.86
N ASP C 34 21.94 -9.43 32.68
CA ASP C 34 21.79 -10.76 32.09
C ASP C 34 21.96 -10.65 30.58
N ASP C 35 21.73 -11.74 29.86
CA ASP C 35 21.90 -11.71 28.41
C ASP C 35 20.91 -10.77 27.70
N TYR C 36 19.68 -10.68 28.21
CA TYR C 36 18.70 -9.78 27.59
C TYR C 36 19.24 -8.36 27.68
N PHE C 37 19.80 -8.03 28.85
CA PHE C 37 20.34 -6.70 29.09
C PHE C 37 21.49 -6.40 28.14
N LEU C 38 22.46 -7.30 28.08
CA LEU C 38 23.62 -7.09 27.22
C LEU C 38 23.27 -7.04 25.74
N LEU C 39 22.31 -7.86 25.31
CA LEU C 39 21.93 -7.89 23.91
C LEU C 39 21.24 -6.62 23.44
N ARG C 40 20.73 -5.81 24.37
CA ARG C 40 20.09 -4.56 23.99
C ARG C 40 21.14 -3.59 23.47
N TRP C 41 22.32 -3.61 24.09
CA TRP C 41 23.40 -2.72 23.67
C TRP C 41 24.05 -3.24 22.38
N LEU C 42 24.13 -4.55 22.26
CA LEU C 42 24.73 -5.15 21.07
C LEU C 42 23.84 -4.91 19.85
N ARG C 43 22.52 -5.09 19.99
CA ARG C 43 21.62 -4.85 18.88
C ARG C 43 21.63 -3.37 18.49
N ALA C 44 21.72 -2.49 19.48
CA ALA C 44 21.73 -1.05 19.24
C ALA C 44 22.93 -0.59 18.41
N ARG C 45 23.95 -1.43 18.30
CA ARG C 45 25.13 -1.08 17.52
C ARG C 45 25.53 -2.21 16.59
N SER C 46 24.52 -2.93 16.10
CA SER C 46 24.72 -4.05 15.18
C SER C 46 25.84 -4.99 15.60
N PHE C 47 25.90 -5.30 16.89
CA PHE C 47 26.90 -6.21 17.44
C PHE C 47 28.35 -5.79 17.20
N ASP C 48 28.58 -4.49 17.08
CA ASP C 48 29.94 -3.98 16.90
C ASP C 48 30.47 -3.92 18.33
N LEU C 49 31.43 -4.79 18.65
CA LEU C 49 31.98 -4.85 20.00
C LEU C 49 32.54 -3.52 20.50
N GLN C 50 33.20 -2.78 19.62
CA GLN C 50 33.78 -1.50 20.00
C GLN C 50 32.68 -0.50 20.33
N LYS C 51 31.81 -0.25 19.35
CA LYS C 51 30.73 0.71 19.55
C LYS C 51 29.83 0.28 20.72
N SER C 52 29.48 -1.00 20.79
CA SER C 52 28.62 -1.48 21.87
C SER C 52 29.21 -1.22 23.25
N GLU C 53 30.52 -1.44 23.39
CA GLU C 53 31.17 -1.21 24.68
C GLU C 53 31.24 0.27 25.03
N ALA C 54 31.50 1.10 24.03
CA ALA C 54 31.57 2.54 24.26
C ALA C 54 30.19 3.03 24.70
N LEU C 56 27.73 1.27 26.25
CA LEU C 56 27.43 0.81 27.61
C LEU C 56 28.25 1.52 28.66
N ARG C 57 29.53 1.74 28.38
CA ARG C 57 30.40 2.43 29.33
C ARG C 57 29.92 3.87 29.51
N LYS C 58 29.43 4.48 28.43
CA LYS C 58 28.93 5.85 28.56
C LYS C 58 27.69 5.83 29.46
N HIS C 59 26.88 4.78 29.35
CA HIS C 59 25.68 4.65 30.17
C HIS C 59 26.05 4.49 31.64
N VAL C 60 27.11 3.72 31.90
CA VAL C 60 27.58 3.50 33.25
C VAL C 60 27.95 4.84 33.89
N GLU C 61 28.63 5.68 33.13
CA GLU C 61 29.03 7.00 33.61
C GLU C 61 27.80 7.87 33.83
N PHE C 62 26.81 7.71 32.95
CA PHE C 62 25.56 8.47 33.05
C PHE C 62 24.78 8.08 34.31
N ARG C 63 24.71 6.79 34.60
CA ARG C 63 23.99 6.33 35.78
C ARG C 63 24.62 6.95 37.02
N LYS C 64 25.94 7.12 36.97
CA LYS C 64 26.69 7.70 38.08
C LYS C 64 26.45 9.21 38.18
N GLN C 65 26.54 9.90 37.05
CA GLN C 65 26.33 11.35 37.04
C GLN C 65 24.91 11.73 37.47
N LYS C 66 23.92 10.97 37.04
CA LYS C 66 22.53 11.29 37.38
C LYS C 66 22.01 10.55 38.60
N ASP C 67 22.87 9.76 39.23
CA ASP C 67 22.47 9.00 40.41
C ASP C 67 21.17 8.26 40.13
N ILE C 68 21.15 7.52 39.02
CA ILE C 68 19.97 6.77 38.60
C ILE C 68 19.50 5.70 39.58
N ASP C 69 20.43 5.06 40.28
CA ASP C 69 20.05 4.03 41.24
C ASP C 69 19.06 4.57 42.28
N ASN C 70 19.04 5.89 42.45
CA ASN C 70 18.13 6.51 43.43
C ASN C 70 17.15 7.50 42.81
N ILE C 71 17.08 7.56 41.48
CA ILE C 71 16.19 8.53 40.86
C ILE C 71 14.69 8.33 41.12
N ILE C 72 14.27 7.10 41.39
CA ILE C 72 12.87 6.84 41.67
C ILE C 72 12.41 7.51 42.97
N SER C 73 13.33 7.69 43.90
CA SER C 73 12.99 8.32 45.18
C SER C 73 12.94 9.83 45.05
N TRP C 74 13.60 10.36 44.03
CA TRP C 74 13.63 11.80 43.77
C TRP C 74 12.23 12.32 43.45
N GLN C 75 11.84 13.43 44.08
CA GLN C 75 10.53 14.02 43.86
C GLN C 75 10.63 15.28 42.99
N PRO C 76 9.94 15.28 41.84
CA PRO C 76 9.95 16.42 40.91
C PRO C 76 9.29 17.65 41.51
N PRO C 77 9.67 18.85 41.05
CA PRO C 77 9.08 20.08 41.58
C PRO C 77 7.56 20.06 41.37
N GLU C 78 6.83 20.72 42.26
CA GLU C 78 5.38 20.76 42.19
C GLU C 78 4.82 21.12 40.81
N VAL C 79 5.29 22.22 40.24
CA VAL C 79 4.81 22.65 38.93
C VAL C 79 4.91 21.53 37.91
N ILE C 80 5.97 20.73 38.00
CA ILE C 80 6.16 19.62 37.08
C ILE C 80 5.21 18.48 37.39
N GLN C 81 5.03 18.16 38.67
CA GLN C 81 4.13 17.08 39.03
C GLN C 81 2.71 17.42 38.64
N GLN C 82 2.36 18.71 38.71
CA GLN C 82 1.02 19.13 38.37
C GLN C 82 0.73 19.31 36.87
N TYR C 83 1.69 19.81 36.10
CA TYR C 83 1.43 20.07 34.67
C TYR C 83 2.17 19.31 33.57
N LEU C 84 3.10 18.44 33.92
CA LEU C 84 3.80 17.67 32.88
C LEU C 84 2.92 16.48 32.51
N SER C 85 2.34 16.55 31.31
CA SER C 85 1.44 15.50 30.81
C SER C 85 2.04 14.12 30.57
N GLY C 86 1.16 13.13 30.48
CA GLY C 86 1.59 11.76 30.25
C GLY C 86 1.30 10.85 31.43
N GLY C 87 1.50 9.55 31.25
CA GLY C 87 1.27 8.63 32.34
C GLY C 87 1.25 7.17 31.94
N CYS C 89 -0.41 3.61 32.01
CA CYS C 89 -1.76 3.12 32.18
C CYS C 89 -2.06 1.87 31.37
N GLY C 90 -2.21 0.75 32.05
CA GLY C 90 -2.51 -0.50 31.39
C GLY C 90 -1.33 -1.25 30.81
N TYR C 91 -1.61 -2.47 30.34
CA TYR C 91 -0.61 -3.35 29.75
C TYR C 91 -1.18 -3.84 28.42
N ASP C 92 -0.33 -4.01 27.40
CA ASP C 92 -0.85 -4.49 26.13
C ASP C 92 -1.03 -6.00 26.22
N LEU C 93 -1.56 -6.59 25.16
CA LEU C 93 -1.83 -8.03 25.14
C LEU C 93 -0.64 -8.93 25.41
N ASP C 94 0.56 -8.41 25.24
CA ASP C 94 1.75 -9.22 25.49
C ASP C 94 2.22 -9.03 26.94
N GLY C 95 1.56 -8.12 27.65
CA GLY C 95 1.93 -7.86 29.04
C GLY C 95 2.87 -6.68 29.24
N CYS C 96 3.18 -5.98 28.15
CA CYS C 96 4.07 -4.84 28.21
C CYS C 96 3.37 -3.60 28.74
N PRO C 97 4.07 -2.81 29.57
CA PRO C 97 3.45 -1.60 30.12
C PRO C 97 3.14 -0.64 28.98
N VAL C 98 2.10 0.16 29.15
CA VAL C 98 1.70 1.14 28.15
C VAL C 98 1.85 2.53 28.74
N TRP C 99 2.50 3.42 27.99
CA TRP C 99 2.72 4.80 28.41
C TRP C 99 2.01 5.75 27.44
N TYR C 100 1.32 6.74 28.02
CA TYR C 100 0.59 7.73 27.24
C TYR C 100 1.30 9.06 27.25
N ASP C 101 1.45 9.64 26.06
CA ASP C 101 2.05 10.97 25.89
C ASP C 101 0.91 11.83 25.37
N ILE C 102 0.67 12.96 26.04
CA ILE C 102 -0.39 13.89 25.66
C ILE C 102 0.32 15.20 25.32
N ILE C 103 0.55 15.43 24.03
CA ILE C 103 1.27 16.62 23.58
C ILE C 103 0.48 17.92 23.51
N GLY C 104 -0.71 17.86 22.93
CA GLY C 104 -1.54 19.03 22.77
C GLY C 104 -1.60 20.04 23.91
N PRO C 105 -2.05 19.63 25.10
CA PRO C 105 -2.14 20.57 26.23
C PRO C 105 -0.85 20.87 26.99
N LEU C 106 0.28 20.33 26.52
CA LEU C 106 1.55 20.58 27.18
C LEU C 106 1.91 22.06 26.97
N ASP C 107 2.30 22.73 28.05
CA ASP C 107 2.67 24.15 27.98
C ASP C 107 4.19 24.31 28.11
N ALA C 108 4.89 24.17 26.99
CA ALA C 108 6.34 24.26 26.91
C ALA C 108 6.96 25.49 27.55
N LYS C 109 6.48 26.68 27.17
CA LYS C 109 7.00 27.91 27.74
C LYS C 109 6.78 27.94 29.25
N GLY C 110 5.55 27.66 29.67
CA GLY C 110 5.23 27.66 31.08
C GLY C 110 6.19 26.80 31.88
N LEU C 111 6.42 25.58 31.39
CA LEU C 111 7.32 24.67 32.09
C LEU C 111 8.76 25.18 32.16
N LEU C 112 9.29 25.65 31.04
CA LEU C 112 10.66 26.16 31.01
C LEU C 112 10.82 27.49 31.74
N PHE C 113 9.73 28.22 31.91
CA PHE C 113 9.79 29.49 32.63
C PHE C 113 9.51 29.28 34.12
N SER C 114 9.09 28.08 34.49
CA SER C 114 8.76 27.75 35.89
C SER C 114 9.68 26.72 36.54
N ALA C 115 10.49 26.04 35.74
CA ALA C 115 11.39 25.03 36.28
C ALA C 115 12.68 24.96 35.47
N SER C 116 13.69 24.29 36.01
CA SER C 116 14.97 24.16 35.31
C SER C 116 14.87 23.04 34.28
N LYS C 117 15.63 23.14 33.20
CA LYS C 117 15.61 22.12 32.17
C LYS C 117 16.18 20.82 32.74
N GLN C 118 17.01 20.98 33.76
CA GLN C 118 17.63 19.85 34.44
C GLN C 118 16.59 19.04 35.20
N ASP C 119 15.65 19.72 35.84
CA ASP C 119 14.60 19.02 36.58
C ASP C 119 13.61 18.36 35.61
N LEU C 120 13.35 19.03 34.50
CA LEU C 120 12.45 18.47 33.50
C LEU C 120 13.04 17.18 32.95
N LEU C 121 14.31 17.23 32.58
CA LEU C 121 14.98 16.06 32.03
C LEU C 121 15.06 14.96 33.08
N ARG C 122 15.32 15.34 34.32
CA ARG C 122 15.42 14.35 35.39
C ARG C 122 14.07 13.66 35.59
N THR C 123 12.98 14.41 35.45
CA THR C 123 11.65 13.86 35.61
C THR C 123 11.41 12.79 34.54
N LYS C 124 11.83 13.09 33.31
CA LYS C 124 11.69 12.16 32.20
C LYS C 124 12.50 10.90 32.45
N ARG C 126 13.32 9.66 35.19
CA ARG C 126 12.61 8.94 36.25
C ARG C 126 11.45 8.12 35.70
N GLU C 127 10.73 8.68 34.72
CA GLU C 127 9.61 7.97 34.11
C GLU C 127 10.17 6.72 33.42
N CYS C 128 11.31 6.86 32.75
CA CYS C 128 11.92 5.73 32.06
C CYS C 128 12.29 4.63 33.06
N GLU C 129 12.86 5.02 34.20
CA GLU C 129 13.24 4.05 35.21
C GLU C 129 12.01 3.34 35.77
N LEU C 130 10.91 4.09 35.95
CA LEU C 130 9.68 3.51 36.46
C LEU C 130 9.10 2.52 35.44
N LEU C 131 9.21 2.84 34.16
CA LEU C 131 8.70 1.97 33.12
C LEU C 131 9.51 0.66 33.12
N LEU C 132 10.82 0.77 33.21
CA LEU C 132 11.67 -0.42 33.23
C LEU C 132 11.43 -1.27 34.47
N GLN C 133 11.15 -0.60 35.59
CA GLN C 133 10.88 -1.34 36.81
C GLN C 133 9.53 -2.03 36.67
N GLU C 134 8.61 -1.43 35.92
CA GLU C 134 7.30 -2.05 35.73
C GLU C 134 7.48 -3.28 34.87
N CYS C 135 8.45 -3.23 33.96
CA CYS C 135 8.75 -4.38 33.09
C CYS C 135 9.30 -5.51 33.95
N ALA C 136 10.13 -5.16 34.93
CA ALA C 136 10.71 -6.14 35.83
C ALA C 136 9.58 -6.80 36.63
N HIS C 137 8.60 -6.01 37.05
CA HIS C 137 7.49 -6.56 37.81
C HIS C 137 6.60 -7.45 36.93
N GLN C 138 6.33 -7.04 35.70
CA GLN C 138 5.52 -7.85 34.81
C GLN C 138 6.23 -9.17 34.58
N THR C 139 7.56 -9.12 34.49
CA THR C 139 8.36 -10.30 34.28
C THR C 139 8.10 -11.36 35.35
N THR C 140 8.09 -10.94 36.62
CA THR C 140 7.85 -11.87 37.74
C THR C 140 6.41 -12.34 37.78
N LYS C 141 5.49 -11.44 37.44
CA LYS C 141 4.06 -11.76 37.42
C LYS C 141 3.62 -12.68 36.27
N LEU C 142 4.28 -12.56 35.12
CA LEU C 142 3.91 -13.35 33.95
C LEU C 142 4.73 -14.62 33.75
N GLY C 143 5.85 -14.74 34.46
CA GLY C 143 6.68 -15.92 34.34
C GLY C 143 7.55 -15.95 33.09
N ARG C 144 7.73 -14.80 32.48
CA ARG C 144 8.54 -14.68 31.27
C ARG C 144 9.09 -13.27 31.18
N LYS C 145 10.26 -13.14 30.56
CA LYS C 145 10.92 -11.84 30.44
C LYS C 145 10.15 -10.81 29.62
N VAL C 146 9.88 -9.67 30.25
CA VAL C 146 9.21 -8.55 29.61
C VAL C 146 10.21 -7.38 29.78
N GLU C 147 10.54 -6.71 28.68
CA GLU C 147 11.50 -5.61 28.73
C GLU C 147 11.22 -4.48 27.73
N THR C 148 10.02 -4.47 27.15
CA THR C 148 9.69 -3.44 26.19
C THR C 148 8.39 -2.74 26.58
N ILE C 149 8.17 -1.56 26.02
CA ILE C 149 6.98 -0.78 26.34
C ILE C 149 6.25 -0.29 25.09
N THR C 150 4.94 -0.18 25.21
CA THR C 150 4.10 0.31 24.12
C THR C 150 3.71 1.74 24.47
N ILE C 151 3.82 2.63 23.49
CA ILE C 151 3.49 4.02 23.71
C ILE C 151 2.34 4.50 22.83
N ILE C 152 1.42 5.23 23.45
CA ILE C 152 0.31 5.84 22.71
C ILE C 152 0.65 7.33 22.77
N TYR C 153 0.93 7.89 21.60
CA TYR C 153 1.33 9.28 21.45
C TYR C 153 0.18 10.11 20.89
N ASP C 154 -0.53 10.80 21.77
CA ASP C 154 -1.68 11.61 21.38
C ASP C 154 -1.24 12.99 20.90
N CYS C 155 -1.36 13.21 19.59
CA CYS C 155 -0.97 14.48 18.98
C CYS C 155 -2.11 15.46 18.76
N GLU C 156 -3.28 15.16 19.29
CA GLU C 156 -4.41 16.06 19.14
C GLU C 156 -4.04 17.39 19.80
N GLY C 157 -4.22 18.48 19.07
CA GLY C 157 -3.89 19.78 19.63
C GLY C 157 -2.45 20.19 19.38
N LEU C 158 -1.69 19.37 18.67
CA LEU C 158 -0.31 19.70 18.35
C LEU C 158 -0.38 20.93 17.46
N GLY C 159 0.36 21.98 17.81
CA GLY C 159 0.32 23.18 17.00
C GLY C 159 1.63 23.94 16.93
N LEU C 160 1.58 25.10 16.30
CA LEU C 160 2.76 25.95 16.14
C LEU C 160 3.44 26.30 17.45
N LYS C 161 2.66 26.47 18.52
CA LYS C 161 3.24 26.83 19.81
C LYS C 161 4.22 25.77 20.31
N HIS C 162 4.01 24.52 19.88
CA HIS C 162 4.87 23.42 20.28
C HIS C 162 6.21 23.44 19.54
N LEU C 163 6.30 24.26 18.49
CA LEU C 163 7.54 24.34 17.71
C LEU C 163 8.53 25.36 18.26
N TRP C 164 8.13 26.07 19.32
CA TRP C 164 9.00 27.06 19.97
C TRP C 164 10.37 26.40 20.13
N LYS C 165 11.39 27.02 19.55
CA LYS C 165 12.75 26.47 19.56
C LYS C 165 13.30 25.89 20.86
N PRO C 166 13.31 26.68 21.94
CA PRO C 166 13.84 26.16 23.22
C PRO C 166 13.17 24.87 23.68
N ALA C 167 11.89 24.72 23.34
CA ALA C 167 11.13 23.53 23.73
C ALA C 167 11.52 22.32 22.88
N VAL C 168 11.67 22.52 21.58
CA VAL C 168 12.06 21.41 20.71
C VAL C 168 13.45 20.92 21.08
N GLU C 169 14.35 21.85 21.40
CA GLU C 169 15.71 21.47 21.78
C GLU C 169 15.74 20.74 23.12
N ALA C 170 14.91 21.17 24.07
CA ALA C 170 14.86 20.51 25.36
C ALA C 170 14.34 19.09 25.14
N TYR C 171 13.36 18.96 24.26
CA TYR C 171 12.79 17.65 23.97
C TYR C 171 13.84 16.79 23.29
N GLY C 172 14.64 17.41 22.43
CA GLY C 172 15.70 16.67 21.73
C GLY C 172 16.69 16.08 22.72
N GLU C 173 16.98 16.81 23.79
CA GLU C 173 17.91 16.34 24.81
C GLU C 173 17.36 15.11 25.51
N PHE C 174 16.05 15.11 25.76
CA PHE C 174 15.43 13.96 26.39
C PHE C 174 15.52 12.77 25.44
N LEU C 175 15.16 12.99 24.18
CA LEU C 175 15.19 11.94 23.19
C LEU C 175 16.57 11.30 23.06
N CYS C 176 17.61 12.13 23.00
CA CYS C 176 18.97 11.62 22.89
C CYS C 176 19.31 10.80 24.13
N PHE C 178 17.23 9.21 26.01
CA PHE C 178 16.49 7.96 25.89
C PHE C 178 17.18 6.96 24.97
N GLU C 179 17.60 7.42 23.81
CA GLU C 179 18.26 6.55 22.84
C GLU C 179 19.59 6.01 23.33
N GLU C 180 20.33 6.83 24.07
CA GLU C 180 21.63 6.42 24.58
C GLU C 180 21.62 5.58 25.84
N ASN C 181 20.56 5.70 26.63
CA ASN C 181 20.46 4.97 27.89
C ASN C 181 19.41 3.88 28.00
N TYR C 182 18.44 3.88 27.10
CA TYR C 182 17.37 2.87 27.10
C TYR C 182 17.17 2.27 25.72
N PRO C 183 18.24 1.71 25.13
CA PRO C 183 18.14 1.10 23.80
C PRO C 183 17.30 -0.16 23.77
N GLU C 184 16.63 -0.39 22.64
CA GLU C 184 15.82 -1.59 22.46
C GLU C 184 14.76 -1.75 23.55
N THR C 185 14.23 -0.64 24.04
CA THR C 185 13.22 -0.68 25.08
C THR C 185 11.84 -0.36 24.50
N LEU C 186 11.81 0.41 23.42
CA LEU C 186 10.54 0.77 22.79
C LEU C 186 10.07 -0.39 21.93
N LYS C 187 8.81 -0.78 22.11
CA LYS C 187 8.23 -1.88 21.36
C LYS C 187 7.51 -1.33 20.13
N ARG C 188 6.66 -0.35 20.37
CA ARG C 188 5.89 0.27 19.30
C ARG C 188 5.33 1.56 19.84
N LEU C 189 5.16 2.53 18.95
CA LEU C 189 4.63 3.81 19.32
C LEU C 189 3.53 4.17 18.33
N PHE C 190 2.32 4.32 18.83
CA PHE C 190 1.19 4.67 17.99
C PHE C 190 0.92 6.16 18.08
N VAL C 191 1.00 6.85 16.93
CA VAL C 191 0.71 8.28 16.92
C VAL C 191 -0.77 8.38 16.54
N VAL C 192 -1.55 8.99 17.42
CA VAL C 192 -2.99 9.11 17.17
C VAL C 192 -3.44 10.56 17.12
N LYS C 193 -4.43 10.81 16.28
CA LYS C 193 -4.99 12.14 16.11
C LYS C 193 -3.94 13.17 15.67
N ALA C 194 -2.99 12.71 14.86
CA ALA C 194 -1.96 13.61 14.35
C ALA C 194 -2.63 14.65 13.45
N PRO C 195 -2.33 15.94 13.66
CA PRO C 195 -2.92 17.00 12.84
C PRO C 195 -2.09 17.24 11.57
N LYS C 196 -2.49 18.21 10.77
CA LYS C 196 -1.80 18.51 9.54
C LYS C 196 -0.33 18.91 9.76
N LEU C 197 -0.03 19.48 10.92
CA LEU C 197 1.34 19.91 11.23
C LEU C 197 2.29 18.77 11.60
N PHE C 198 1.77 17.56 11.76
CA PHE C 198 2.62 16.44 12.15
C PHE C 198 3.91 16.28 11.34
N PRO C 199 3.84 16.25 10.00
CA PRO C 199 5.07 16.10 9.21
C PRO C 199 6.19 17.09 9.56
N VAL C 200 5.84 18.35 9.77
CA VAL C 200 6.84 19.36 10.13
C VAL C 200 7.36 19.15 11.55
N ALA C 201 6.47 18.80 12.46
CA ALA C 201 6.86 18.56 13.87
C ALA C 201 7.75 17.33 13.98
N TYR C 202 7.38 16.27 13.27
CA TYR C 202 8.15 15.04 13.29
C TYR C 202 9.54 15.26 12.72
N ASN C 203 9.63 16.04 11.64
CA ASN C 203 10.90 16.32 11.00
C ASN C 203 11.86 17.03 11.95
N LEU C 204 11.31 17.76 12.91
CA LEU C 204 12.15 18.48 13.88
C LEU C 204 12.86 17.56 14.88
N ILE C 205 12.22 16.46 15.25
CA ILE C 205 12.84 15.55 16.21
C ILE C 205 13.42 14.28 15.59
N LYS C 206 13.10 14.06 14.32
CA LYS C 206 13.60 12.89 13.60
C LYS C 206 15.11 12.69 13.78
N PRO C 207 15.90 13.77 13.72
CA PRO C 207 17.36 13.69 13.88
C PRO C 207 17.83 13.08 15.21
N PHE C 208 17.00 13.19 16.23
CA PHE C 208 17.35 12.67 17.56
C PHE C 208 16.95 11.21 17.79
N LEU C 209 16.27 10.61 16.80
CA LEU C 209 15.81 9.23 16.92
C LEU C 209 16.65 8.25 16.13
N SER C 210 16.87 7.07 16.71
CA SER C 210 17.64 6.02 16.06
C SER C 210 16.73 5.37 15.01
N GLU C 211 17.34 4.69 14.04
CA GLU C 211 16.55 4.03 13.01
C GLU C 211 15.66 2.96 13.63
N ASP C 212 16.10 2.39 14.75
CA ASP C 212 15.28 1.37 15.41
C ASP C 212 13.99 1.99 15.93
N THR C 213 14.09 3.18 16.52
CA THR C 213 12.92 3.87 17.04
C THR C 213 12.01 4.31 15.88
N ARG C 214 12.61 4.85 14.83
CA ARG C 214 11.82 5.33 13.69
C ARG C 214 10.94 4.23 13.11
N LYS C 215 11.51 3.03 12.96
CA LYS C 215 10.76 1.90 12.42
C LYS C 215 9.61 1.45 13.30
N LYS C 216 9.68 1.79 14.59
CA LYS C 216 8.64 1.39 15.54
C LYS C 216 7.50 2.40 15.64
N ILE C 217 7.61 3.52 14.93
CA ILE C 217 6.58 4.55 14.94
C ILE C 217 5.52 4.24 13.89
N VAL C 219 1.96 5.73 12.45
CA VAL C 219 1.00 6.82 12.41
C VAL C 219 -0.36 6.22 12.07
N LEU C 220 -1.35 6.41 12.94
CA LEU C 220 -2.67 5.84 12.69
C LEU C 220 -3.65 6.83 12.05
N GLY C 221 -4.67 6.27 11.41
CA GLY C 221 -5.67 7.08 10.75
C GLY C 221 -6.92 7.30 11.58
N ALA C 222 -8.04 7.55 10.90
CA ALA C 222 -9.30 7.80 11.57
C ALA C 222 -9.79 6.64 12.43
N ASN C 223 -9.38 5.42 12.10
CA ASN C 223 -9.79 4.25 12.86
C ASN C 223 -8.77 3.88 13.95
N TRP C 224 -8.02 4.87 14.44
CA TRP C 224 -7.01 4.58 15.46
C TRP C 224 -7.49 3.76 16.65
N LYS C 225 -8.69 4.03 17.14
CA LYS C 225 -9.22 3.28 18.27
C LYS C 225 -9.31 1.79 17.97
N GLU C 226 -9.70 1.45 16.74
CA GLU C 226 -9.79 0.04 16.34
C GLU C 226 -8.41 -0.59 16.37
N VAL C 227 -7.41 0.14 15.86
CA VAL C 227 -6.05 -0.40 15.83
C VAL C 227 -5.55 -0.66 17.25
N LEU C 228 -5.77 0.29 18.16
CA LEU C 228 -5.31 0.10 19.53
C LEU C 228 -5.93 -1.15 20.15
N LEU C 229 -7.21 -1.39 19.87
CA LEU C 229 -7.88 -2.56 20.42
C LEU C 229 -7.42 -3.89 19.80
N LYS C 230 -6.48 -3.80 18.86
CA LYS C 230 -5.93 -5.01 18.25
C LYS C 230 -4.66 -5.37 19.01
N HIS C 231 -4.18 -4.45 19.83
CA HIS C 231 -2.95 -4.66 20.58
C HIS C 231 -3.12 -4.57 22.09
N ILE C 232 -4.22 -3.98 22.53
CA ILE C 232 -4.49 -3.82 23.95
C ILE C 232 -5.95 -4.16 24.28
N SER C 233 -6.16 -4.95 25.33
CA SER C 233 -7.51 -5.31 25.74
C SER C 233 -8.29 -4.06 26.12
N PRO C 234 -9.60 -4.05 25.83
CA PRO C 234 -10.47 -2.90 26.12
C PRO C 234 -10.39 -2.43 27.58
N ASP C 235 -10.33 -3.37 28.51
CA ASP C 235 -10.28 -3.04 29.93
C ASP C 235 -8.98 -2.36 30.36
N GLN C 236 -7.97 -2.41 29.49
CA GLN C 236 -6.67 -1.79 29.80
C GLN C 236 -6.53 -0.41 29.19
N VAL C 237 -7.51 -0.01 28.39
CA VAL C 237 -7.48 1.30 27.72
C VAL C 237 -8.58 2.24 28.22
N PRO C 238 -8.22 3.50 28.49
CA PRO C 238 -9.20 4.47 28.98
C PRO C 238 -10.33 4.65 27.95
N VAL C 239 -11.53 4.94 28.43
CA VAL C 239 -12.67 5.15 27.54
C VAL C 239 -12.26 6.24 26.53
N GLU C 240 -11.54 7.23 27.04
CA GLU C 240 -11.05 8.34 26.22
C GLU C 240 -10.35 7.83 24.95
N TYR C 241 -9.62 6.72 25.07
CA TYR C 241 -8.89 6.18 23.92
C TYR C 241 -9.50 4.93 23.28
N GLY C 242 -10.77 4.66 23.57
CA GLY C 242 -11.44 3.52 22.95
C GLY C 242 -11.75 2.31 23.81
N GLY C 243 -11.15 2.20 24.98
CA GLY C 243 -11.39 1.05 25.83
C GLY C 243 -12.57 1.22 26.76
N THR C 244 -12.51 0.59 27.92
CA THR C 244 -13.60 0.69 28.90
C THR C 244 -13.13 1.12 30.29
N THR C 246 -11.90 3.51 33.40
CA THR C 246 -12.25 4.82 33.91
C THR C 246 -11.69 4.99 35.32
N ASP C 247 -11.84 6.19 35.88
CA ASP C 247 -11.40 6.45 37.25
C ASP C 247 -12.56 6.00 38.12
N PRO C 248 -12.33 5.83 39.43
CA PRO C 248 -13.40 5.41 40.32
C PRO C 248 -14.69 6.22 40.17
N ASP C 249 -14.54 7.52 39.88
CA ASP C 249 -15.70 8.39 39.71
C ASP C 249 -16.28 8.29 38.30
N GLY C 250 -15.71 7.42 37.48
CA GLY C 250 -16.21 7.24 36.13
C GLY C 250 -15.60 8.13 35.07
N ASN C 251 -14.61 8.95 35.44
CA ASN C 251 -13.98 9.84 34.48
C ASN C 251 -13.38 8.96 33.37
N PRO C 252 -13.75 9.23 32.11
CA PRO C 252 -13.27 8.48 30.95
C PRO C 252 -11.78 8.67 30.66
N LYS C 253 -11.21 9.75 31.19
CA LYS C 253 -9.80 10.06 30.95
C LYS C 253 -8.81 9.36 31.85
N CYS C 254 -9.30 8.66 32.88
CA CYS C 254 -8.41 7.97 33.80
C CYS C 254 -7.33 8.94 34.28
N LYS C 255 -7.78 10.09 34.77
CA LYS C 255 -6.88 11.13 35.25
C LYS C 255 -6.07 10.74 36.47
N SER C 256 -6.49 9.67 37.14
CA SER C 256 -5.76 9.22 38.32
C SER C 256 -4.46 8.56 37.89
N LYS C 257 -4.34 8.26 36.59
CA LYS C 257 -3.13 7.64 36.06
C LYS C 257 -2.46 8.49 34.98
N ILE C 258 -3.27 9.20 34.20
CA ILE C 258 -2.75 10.04 33.13
C ILE C 258 -2.93 11.52 33.41
N ASN C 259 -1.84 12.27 33.28
CA ASN C 259 -1.85 13.71 33.51
C ASN C 259 -2.12 14.37 32.16
N TYR C 260 -3.02 15.35 32.12
CA TYR C 260 -3.34 16.02 30.86
C TYR C 260 -2.81 17.44 30.70
N GLY C 261 -1.66 17.71 31.32
CA GLY C 261 -1.05 19.01 31.20
C GLY C 261 -1.95 20.20 31.49
N GLY C 262 -1.86 21.22 30.62
CA GLY C 262 -2.65 22.42 30.79
C GLY C 262 -1.72 23.62 30.94
N ASP C 263 -2.25 24.82 30.77
CA ASP C 263 -1.44 26.02 30.89
C ASP C 263 -0.97 26.25 32.33
N ILE C 264 0.31 26.56 32.48
CA ILE C 264 0.86 26.79 33.80
C ILE C 264 0.53 28.18 34.33
N PRO C 265 0.01 28.27 35.56
CA PRO C 265 -0.34 29.56 36.16
C PRO C 265 0.90 30.45 36.26
N ARG C 266 0.73 31.72 35.90
CA ARG C 266 1.84 32.68 35.94
C ARG C 266 2.56 32.75 37.28
N LYS C 267 1.88 32.41 38.37
CA LYS C 267 2.48 32.46 39.70
C LYS C 267 3.70 31.54 39.84
N TYR C 268 3.76 30.50 39.02
CA TYR C 268 4.89 29.57 39.08
C TYR C 268 6.12 30.08 38.33
N TYR C 269 5.94 31.05 37.45
CA TYR C 269 7.06 31.59 36.66
C TYR C 269 8.16 32.20 37.49
N VAL C 270 9.40 31.85 37.16
CA VAL C 270 10.56 32.41 37.86
C VAL C 270 11.38 33.23 36.86
N ARG C 271 10.94 33.25 35.60
CA ARG C 271 11.62 34.00 34.53
C ARG C 271 10.62 34.27 33.39
N ASP C 272 10.97 35.19 32.49
CA ASP C 272 10.09 35.48 31.35
C ASP C 272 10.79 35.18 30.02
N GLN C 273 11.91 34.45 30.10
CA GLN C 273 12.68 34.08 28.91
C GLN C 273 13.79 33.15 29.34
N VAL C 274 14.31 32.37 28.40
CA VAL C 274 15.43 31.48 28.69
C VAL C 274 16.63 31.98 27.91
N LYS C 275 17.82 31.49 28.24
CA LYS C 275 19.03 31.89 27.53
C LYS C 275 18.90 31.51 26.06
N GLN C 276 19.32 32.39 25.17
CA GLN C 276 19.25 32.12 23.72
C GLN C 276 20.43 32.71 22.96
N GLN C 277 20.73 32.11 21.82
CA GLN C 277 21.81 32.58 20.94
C GLN C 277 21.21 32.80 19.56
N TYR C 278 21.82 33.70 18.79
CA TYR C 278 21.30 34.02 17.47
C TYR C 278 22.31 33.76 16.36
N GLU C 279 21.82 33.27 15.23
CA GLU C 279 22.66 32.94 14.08
C GLU C 279 23.11 34.13 13.27
N HIS C 280 22.42 35.25 13.42
CA HIS C 280 22.75 36.44 12.65
C HIS C 280 22.64 37.70 13.49
N SER C 281 23.37 38.72 13.04
CA SER C 281 23.38 40.01 13.73
C SER C 281 23.46 41.10 12.67
N VAL C 282 22.75 42.21 12.89
CA VAL C 282 22.77 43.31 11.94
C VAL C 282 22.60 44.65 12.62
N GLN C 283 23.26 45.67 12.07
CA GLN C 283 23.12 47.01 12.61
C GLN C 283 22.32 47.75 11.55
N ILE C 284 21.06 48.04 11.87
CA ILE C 284 20.20 48.75 10.93
C ILE C 284 20.43 50.26 11.05
N SER C 285 20.67 50.90 9.91
CA SER C 285 20.91 52.33 9.89
C SER C 285 19.66 53.11 10.29
N ARG C 286 19.85 54.32 10.78
CA ARG C 286 18.74 55.16 11.17
C ARG C 286 17.84 55.33 9.94
N GLY C 287 16.53 55.44 10.18
CA GLY C 287 15.58 55.61 9.09
C GLY C 287 15.59 54.52 8.04
N SER C 288 16.11 53.34 8.37
CA SER C 288 16.16 52.26 7.40
C SER C 288 15.54 50.96 7.89
N SER C 289 15.46 50.00 6.97
CA SER C 289 14.91 48.69 7.24
C SER C 289 15.94 47.66 6.77
N HIS C 290 15.84 46.45 7.29
CA HIS C 290 16.74 45.37 6.90
C HIS C 290 15.88 44.18 6.52
N GLN C 291 15.99 43.75 5.26
CA GLN C 291 15.23 42.62 4.77
C GLN C 291 16.04 41.32 4.80
N VAL C 292 15.37 40.23 5.17
CA VAL C 292 15.99 38.91 5.20
C VAL C 292 15.12 38.02 4.33
N GLU C 293 15.72 37.45 3.27
CA GLU C 293 15.00 36.61 2.32
C GLU C 293 15.15 35.11 2.50
N TYR C 294 14.05 34.39 2.28
CA TYR C 294 14.05 32.94 2.36
C TYR C 294 13.10 32.38 1.31
N GLU C 295 13.60 31.43 0.52
CA GLU C 295 12.76 30.82 -0.48
C GLU C 295 12.07 29.62 0.13
N ILE C 296 10.76 29.54 -0.06
CA ILE C 296 9.99 28.40 0.42
C ILE C 296 9.50 27.74 -0.86
N LEU C 297 9.88 26.48 -1.06
CA LEU C 297 9.48 25.77 -2.26
C LEU C 297 8.40 24.73 -1.98
N PHE C 298 8.57 23.96 -0.93
CA PHE C 298 7.62 22.92 -0.58
C PHE C 298 6.46 23.49 0.23
N PRO C 299 5.23 23.27 -0.24
CA PRO C 299 4.06 23.78 0.49
C PRO C 299 3.96 23.16 1.88
N GLY C 300 3.51 23.94 2.85
CA GLY C 300 3.37 23.41 4.20
C GLY C 300 4.57 23.65 5.09
N CYS C 301 5.57 24.35 4.59
CA CYS C 301 6.74 24.64 5.40
C CYS C 301 6.32 25.65 6.45
N VAL C 302 7.08 25.72 7.53
CA VAL C 302 6.81 26.66 8.59
C VAL C 302 8.04 27.54 8.80
N LEU C 303 7.82 28.83 8.80
CA LEU C 303 8.89 29.79 9.01
C LEU C 303 8.93 30.01 10.52
N ARG C 304 10.10 29.84 11.13
CA ARG C 304 10.24 30.04 12.57
C ARG C 304 11.36 31.02 12.86
N TRP C 305 11.08 31.98 13.72
CA TRP C 305 12.07 33.00 14.05
C TRP C 305 12.12 33.39 15.51
N GLN C 306 13.20 34.09 15.86
CA GLN C 306 13.40 34.59 17.21
C GLN C 306 14.38 35.74 17.04
N PHE C 307 14.17 36.83 17.76
CA PHE C 307 15.06 37.97 17.68
C PHE C 307 14.97 38.87 18.89
N SER C 309 16.54 42.97 20.22
CA SER C 309 17.12 44.22 19.75
C SER C 309 17.85 44.80 20.96
N ASP C 310 18.93 45.53 20.71
CA ASP C 310 19.73 46.09 21.79
C ASP C 310 19.42 47.53 22.21
N GLY C 311 18.87 47.68 23.42
CA GLY C 311 18.57 49.00 23.95
C GLY C 311 17.27 49.67 23.56
N ALA C 312 16.69 49.28 22.43
CA ALA C 312 15.45 49.87 21.98
C ALA C 312 14.65 48.88 21.15
N ASP C 313 13.35 49.16 20.98
CA ASP C 313 12.47 48.29 20.23
C ASP C 313 12.82 48.31 18.75
N VAL C 314 12.10 47.54 17.95
CA VAL C 314 12.32 47.50 16.51
C VAL C 314 11.04 47.01 15.87
N GLY C 315 10.80 47.43 14.63
CA GLY C 315 9.60 46.99 13.94
C GLY C 315 9.88 45.66 13.26
N PHE C 316 8.86 44.84 13.07
CA PHE C 316 9.02 43.54 12.44
C PHE C 316 7.78 43.18 11.66
N GLY C 317 7.98 42.59 10.50
CA GLY C 317 6.88 42.17 9.65
C GLY C 317 7.34 41.14 8.64
N ILE C 318 6.41 40.36 8.12
CA ILE C 318 6.78 39.33 7.14
C ILE C 318 6.01 39.54 5.85
N PHE C 319 6.75 39.56 4.74
CA PHE C 319 6.15 39.76 3.42
C PHE C 319 6.49 38.64 2.45
N LEU C 320 5.74 38.60 1.36
CA LEU C 320 5.92 37.62 0.30
C LEU C 320 6.18 38.44 -0.96
N LYS C 321 7.30 38.20 -1.63
CA LYS C 321 7.64 38.94 -2.85
C LYS C 321 6.75 38.53 -4.02
N THR C 322 6.41 39.51 -4.86
CA THR C 322 5.58 39.29 -6.02
C THR C 322 6.46 39.21 -7.27
N LYS C 323 7.25 40.25 -7.49
CA LYS C 323 8.13 40.30 -8.65
C LYS C 323 9.52 39.74 -8.32
N GLY C 325 13.57 38.99 -8.87
CA GLY C 325 14.65 39.88 -9.25
C GLY C 325 15.10 40.75 -8.10
N GLU C 326 15.24 42.05 -8.36
CA GLU C 326 15.67 42.98 -7.33
C GLU C 326 14.72 42.98 -6.13
N ARG C 327 15.15 43.56 -5.03
CA ARG C 327 14.31 43.61 -3.84
C ARG C 327 13.15 44.58 -4.05
N GLN C 328 11.97 44.20 -3.58
CA GLN C 328 10.77 45.04 -3.71
C GLN C 328 10.60 45.94 -2.49
N ARG C 329 9.60 46.80 -2.54
CA ARG C 329 9.30 47.69 -1.42
C ARG C 329 8.18 47.06 -0.61
N ALA C 330 8.26 47.22 0.70
CA ALA C 330 7.26 46.64 1.60
C ALA C 330 5.83 46.81 1.09
N GLY C 331 5.51 48.01 0.62
CA GLY C 331 4.17 48.28 0.13
C GLY C 331 3.75 47.43 -1.05
N GLU C 332 4.72 47.06 -1.88
CA GLU C 332 4.47 46.26 -3.07
C GLU C 332 4.27 44.78 -2.78
N THR C 334 3.34 41.26 -0.56
CA THR C 334 2.13 40.82 0.12
C THR C 334 2.47 40.69 1.60
N GLU C 335 1.86 41.51 2.43
CA GLU C 335 2.14 41.52 3.86
C GLU C 335 1.38 40.40 4.59
N VAL C 336 2.07 39.30 4.88
CA VAL C 336 1.47 38.16 5.55
C VAL C 336 1.46 38.28 7.08
N LEU C 337 2.33 39.13 7.62
CA LEU C 337 2.37 39.38 9.06
C LEU C 337 2.54 40.90 9.18
N PRO C 338 1.44 41.60 9.47
CA PRO C 338 1.44 43.06 9.60
C PRO C 338 2.65 43.60 10.36
N ASN C 339 3.25 44.65 9.84
CA ASN C 339 4.40 45.28 10.46
C ASN C 339 3.96 45.88 11.81
N GLN C 340 4.81 45.73 12.81
CA GLN C 340 4.51 46.25 14.14
C GLN C 340 5.78 46.37 14.95
N ARG C 341 5.77 47.26 15.93
CA ARG C 341 6.94 47.44 16.79
C ARG C 341 6.84 46.51 17.98
N TYR C 342 7.96 45.88 18.34
CA TYR C 342 8.00 44.97 19.47
C TYR C 342 9.07 45.39 20.46
N ASN C 343 8.81 45.16 21.75
CA ASN C 343 9.78 45.52 22.78
C ASN C 343 10.79 44.40 22.91
N SER C 344 11.40 44.03 21.79
CA SER C 344 12.40 42.96 21.74
C SER C 344 13.67 43.28 22.49
N HIS C 345 13.73 44.46 23.10
CA HIS C 345 14.90 44.85 23.88
C HIS C 345 14.66 44.52 25.36
N LEU C 346 13.41 44.17 25.67
CA LEU C 346 13.01 43.82 27.04
C LEU C 346 12.79 42.31 27.11
N VAL C 347 12.03 41.79 26.16
CA VAL C 347 11.77 40.35 26.09
C VAL C 347 11.92 39.95 24.62
N PRO C 348 12.78 38.95 24.34
CA PRO C 348 13.00 38.47 22.98
C PRO C 348 11.71 38.00 22.32
N GLU C 349 11.61 38.24 21.02
CA GLU C 349 10.43 37.82 20.27
C GLU C 349 10.66 36.45 19.61
N ASP C 350 9.57 35.73 19.39
CA ASP C 350 9.64 34.45 18.72
C ASP C 350 8.31 34.25 18.02
N GLY C 351 8.33 33.51 16.93
CA GLY C 351 7.10 33.28 16.20
C GLY C 351 7.24 32.19 15.16
N THR C 352 6.11 31.83 14.58
CA THR C 352 6.06 30.81 13.55
C THR C 352 4.98 31.23 12.57
N LEU C 353 5.14 30.83 11.32
CA LEU C 353 4.16 31.16 10.29
C LEU C 353 4.10 30.01 9.30
N THR C 354 2.91 29.46 9.11
CA THR C 354 2.73 28.37 8.18
C THR C 354 2.72 28.99 6.78
N CYS C 355 3.59 28.51 5.91
CA CYS C 355 3.70 29.03 4.55
C CYS C 355 3.07 28.07 3.56
N SER C 356 1.76 28.20 3.37
CA SER C 356 1.02 27.35 2.46
C SER C 356 1.39 27.61 1.00
N ASP C 357 1.61 28.88 0.67
CA ASP C 357 1.95 29.27 -0.70
C ASP C 357 3.46 29.37 -0.94
N PRO C 358 4.02 28.45 -1.74
CA PRO C 358 5.45 28.51 -2.02
C PRO C 358 5.79 29.88 -2.59
N GLY C 359 7.02 30.34 -2.35
CA GLY C 359 7.41 31.64 -2.86
C GLY C 359 8.60 32.20 -2.10
N ILE C 360 8.91 33.47 -2.34
CA ILE C 360 10.03 34.11 -1.65
C ILE C 360 9.53 34.96 -0.50
N TYR C 361 9.84 34.53 0.73
CA TYR C 361 9.43 35.25 1.92
C TYR C 361 10.49 36.19 2.45
N VAL C 362 10.05 37.37 2.89
CA VAL C 362 10.96 38.38 3.41
C VAL C 362 10.57 38.84 4.81
N LEU C 363 11.45 38.61 5.77
CA LEU C 363 11.20 39.04 7.14
C LEU C 363 11.90 40.39 7.20
N ARG C 364 11.14 41.44 7.44
CA ARG C 364 11.67 42.79 7.46
C ARG C 364 11.78 43.44 8.83
N PHE C 365 13.00 43.81 9.21
CA PHE C 365 13.21 44.49 10.47
C PHE C 365 13.16 45.96 10.11
N ASP C 366 12.33 46.70 10.84
CA ASP C 366 12.10 48.11 10.54
C ASP C 366 12.62 49.12 11.56
N ASN C 367 13.45 50.04 11.08
CA ASN C 367 14.01 51.08 11.92
C ASN C 367 13.79 52.43 11.22
N THR C 368 12.86 52.45 10.26
CA THR C 368 12.57 53.64 9.49
C THR C 368 11.99 54.79 10.31
N TYR C 369 11.43 54.49 11.47
CA TYR C 369 10.85 55.49 12.34
C TYR C 369 11.90 56.12 13.25
N SER C 370 13.07 55.50 13.31
CA SER C 370 14.15 56.01 14.15
C SER C 370 15.01 56.91 13.28
N PHE C 371 14.77 58.21 13.41
CA PHE C 371 15.47 59.22 12.62
C PHE C 371 16.93 59.45 13.01
N ILE C 372 17.27 59.22 14.27
CA ILE C 372 18.63 59.45 14.72
C ILE C 372 19.49 58.23 15.05
N HIS C 373 18.97 57.35 15.91
CA HIS C 373 19.73 56.18 16.35
C HIS C 373 19.71 54.95 15.45
N ALA C 374 20.85 54.26 15.39
CA ALA C 374 20.96 53.04 14.61
C ALA C 374 20.35 51.95 15.49
N LYS C 375 20.26 50.73 14.98
CA LYS C 375 19.65 49.66 15.76
C LYS C 375 20.29 48.28 15.56
N LYS C 376 20.75 47.70 16.67
CA LYS C 376 21.39 46.39 16.66
C LYS C 376 20.32 45.30 16.85
N VAL C 377 20.24 44.39 15.89
CA VAL C 377 19.26 43.31 15.97
C VAL C 377 19.95 41.98 15.77
N ASN C 378 19.63 41.02 16.64
CA ASN C 378 20.19 39.68 16.57
C ASN C 378 19.01 38.76 16.27
N PHE C 379 19.18 37.85 15.31
CA PHE C 379 18.07 36.99 14.96
C PHE C 379 18.45 35.63 14.43
N THR C 380 17.45 34.76 14.38
CA THR C 380 17.60 33.41 13.85
C THR C 380 16.30 33.12 13.13
N VAL C 381 16.40 32.66 11.90
CA VAL C 381 15.22 32.32 11.12
C VAL C 381 15.47 30.98 10.46
N GLU C 382 14.45 30.12 10.42
CA GLU C 382 14.59 28.82 9.81
C GLU C 382 13.34 28.43 9.06
N VAL C 383 13.53 27.67 7.99
CA VAL C 383 12.40 27.17 7.22
C VAL C 383 12.30 25.71 7.66
N LEU C 384 11.19 25.36 8.29
CA LEU C 384 10.99 24.01 8.78
C LEU C 384 10.26 23.22 7.71
N LEU C 385 10.90 22.17 7.21
CA LEU C 385 10.31 21.36 6.16
C LEU C 385 9.53 20.17 6.66
N PRO C 386 8.52 19.74 5.89
CA PRO C 386 7.71 18.59 6.26
C PRO C 386 8.52 17.33 6.00
N ASP C 387 8.35 16.31 6.82
CA ASP C 387 9.04 15.05 6.59
C ASP C 387 8.24 14.42 5.46
N LYS C 388 8.88 14.19 4.32
CA LYS C 388 8.17 13.63 3.16
C LYS C 388 7.48 12.29 3.39
N ALA C 389 8.19 11.34 4.01
CA ALA C 389 7.57 10.05 4.27
C ALA C 389 6.31 10.23 5.09
N SER C 390 6.33 11.18 6.03
CA SER C 390 5.17 11.44 6.89
C SER C 390 4.01 12.02 6.10
N GLU C 391 4.30 12.99 5.22
CA GLU C 391 3.26 13.62 4.41
C GLU C 391 2.52 12.55 3.63
N GLU C 392 3.29 11.70 2.96
CA GLU C 392 2.73 10.62 2.16
C GLU C 392 1.94 9.64 3.00
N LYS C 393 2.51 9.26 4.14
CA LYS C 393 1.86 8.32 5.04
C LYS C 393 0.46 8.78 5.39
N LYS C 395 -1.34 11.11 3.62
CA LYS C 395 -2.16 11.36 2.45
C LYS C 395 -3.10 10.18 2.26
N GLN C 396 -2.74 9.06 2.87
CA GLN C 396 -3.56 7.85 2.81
C GLN C 396 -4.14 7.53 4.19
N LEU C 397 -3.34 7.24 5.11
#